data_5GLR
#
_entry.id   5GLR
#
_cell.length_a   74.929
_cell.length_b   61.343
_cell.length_c   79.001
_cell.angle_alpha   90.00
_cell.angle_beta   95.79
_cell.angle_gamma   90.00
#
_symmetry.space_group_name_H-M   'P 1 21 1'
#
loop_
_entity.id
_entity.type
_entity.pdbx_description
1 polymer 'Glycoside hydrolase family 43'
2 branched beta-D-xylopyranose-(1-4)-beta-D-xylopyranose-(1-4)-beta-D-xylopyranose
3 non-polymer 'CALCIUM ION'
4 non-polymer 'SODIUM ION'
5 non-polymer alpha-L-arabinopyranose
6 non-polymer beta-L-arabinofuranose
7 water water
#
_entity_poly.entity_id   1
_entity_poly.type   'polypeptide(L)'
_entity_poly.pdbx_seq_one_letter_code
;MGSSHHHHHHSSGLVPRGSHMEPLVTHIYTADPSAHVFDGKVYIYPSHDIDAGTPENDMGDHFDMRDYHVLSMNSIPGEV
TDHGVALDIKDIPWAGRQLWAPDAASKDGKYYLYFPAKDKEDIFRIGVAVSDSPAGPFKPESEPIKGSYSIDPAVFKDDD
GKYYMYFGGIWGGQLQRWTTGEYAGHDASKTDLEQDDAPAIGPRIALMSDDMLSFAEPVKEISIVDEQGNPILGGDHDRR
FFEAAWMHKYNGTYYLSYSTGDTHYIVYATGDNPYGPFTYRGVILNPVIGWTNHHSIVEFNGKWYLFYHDSSLSGGKTHL
RCIKVTELTHNADGTIETISPYIE
;
_entity_poly.pdbx_strand_id   A,B
#
# COMPACT_ATOMS: atom_id res chain seq x y z
N VAL A 15 10.66 -17.14 -24.56
CA VAL A 15 10.30 -17.88 -23.31
C VAL A 15 8.99 -17.34 -22.72
N PRO A 16 8.14 -18.22 -22.14
CA PRO A 16 6.91 -17.73 -21.51
C PRO A 16 7.14 -16.86 -20.26
N ARG A 17 6.31 -15.81 -20.12
CA ARG A 17 6.41 -14.81 -19.06
C ARG A 17 5.00 -14.51 -18.50
N GLY A 18 4.94 -14.02 -17.27
CA GLY A 18 3.68 -13.63 -16.61
C GLY A 18 3.08 -14.60 -15.61
N SER A 19 3.91 -15.46 -15.01
CA SER A 19 3.45 -16.51 -14.10
C SER A 19 3.55 -16.16 -12.61
N HIS A 20 4.55 -15.35 -12.23
CA HIS A 20 4.79 -15.05 -10.80
C HIS A 20 5.14 -13.57 -10.60
N MET A 21 4.33 -12.69 -11.18
CA MET A 21 4.51 -11.24 -11.11
C MET A 21 5.90 -10.76 -11.55
N GLU A 22 6.57 -11.50 -12.42
CA GLU A 22 7.85 -11.05 -12.97
C GLU A 22 7.64 -10.06 -14.12
N PRO A 23 8.65 -9.25 -14.44
CA PRO A 23 8.53 -8.37 -15.60
C PRO A 23 8.18 -9.10 -16.89
N LEU A 24 7.20 -8.58 -17.64
CA LEU A 24 6.77 -9.23 -18.87
C LEU A 24 7.79 -9.10 -19.99
N VAL A 25 8.47 -7.95 -20.05
CA VAL A 25 9.62 -7.77 -20.95
C VAL A 25 10.74 -7.09 -20.19
N THR A 26 11.97 -7.39 -20.57
CA THR A 26 13.15 -6.79 -19.94
C THR A 26 14.09 -6.09 -20.93
N HIS A 27 13.88 -6.25 -22.23
CA HIS A 27 14.77 -5.69 -23.24
C HIS A 27 14.53 -4.19 -23.46
N ILE A 28 13.34 -3.73 -23.11
CA ILE A 28 13.01 -2.32 -23.02
C ILE A 28 12.24 -2.07 -21.73
N TYR A 29 12.22 -0.81 -21.30
CA TYR A 29 11.42 -0.41 -20.15
C TYR A 29 10.03 -0.03 -20.63
N THR A 30 9.01 -0.45 -19.89
CA THR A 30 7.62 -0.33 -20.30
C THR A 30 6.77 0.10 -19.10
N ALA A 31 5.71 0.87 -19.38
CA ALA A 31 4.89 1.47 -18.30
C ALA A 31 3.47 1.64 -18.78
N ASP A 32 2.57 1.82 -17.84
CA ASP A 32 1.23 2.33 -18.12
C ASP A 32 0.46 1.37 -19.04
N PRO A 33 0.42 0.06 -18.70
CA PRO A 33 -0.07 -0.89 -19.68
C PRO A 33 -1.58 -0.83 -19.89
N SER A 34 -2.00 -0.62 -21.13
CA SER A 34 -3.41 -0.79 -21.53
C SER A 34 -3.58 -2.09 -22.29
N ALA A 35 -4.25 -3.06 -21.67
CA ALA A 35 -4.44 -4.39 -22.28
C ALA A 35 -5.81 -4.56 -22.89
N HIS A 36 -5.84 -5.18 -24.08
CA HIS A 36 -7.07 -5.49 -24.81
C HIS A 36 -7.00 -6.88 -25.37
N VAL A 37 -8.16 -7.48 -25.60
CA VAL A 37 -8.25 -8.73 -26.33
C VAL A 37 -8.72 -8.41 -27.75
N PHE A 38 -7.83 -8.59 -28.73
CA PHE A 38 -8.15 -8.40 -30.17
C PHE A 38 -7.70 -9.66 -30.90
N ASP A 39 -8.54 -10.18 -31.80
CA ASP A 39 -8.17 -11.37 -32.59
C ASP A 39 -7.70 -12.54 -31.71
N GLY A 40 -8.35 -12.70 -30.58
CA GLY A 40 -8.08 -13.80 -29.65
C GLY A 40 -6.74 -13.73 -28.92
N LYS A 41 -6.05 -12.60 -29.01
CA LYS A 41 -4.76 -12.39 -28.36
C LYS A 41 -4.86 -11.22 -27.39
N VAL A 42 -3.95 -11.16 -26.43
CA VAL A 42 -3.84 -9.97 -25.57
C VAL A 42 -2.84 -9.00 -26.23
N TYR A 43 -3.33 -7.83 -26.61
CA TYR A 43 -2.46 -6.74 -27.08
C TYR A 43 -2.32 -5.73 -25.97
N ILE A 44 -1.08 -5.29 -25.75
CA ILE A 44 -0.78 -4.37 -24.67
C ILE A 44 -0.17 -3.13 -25.29
N TYR A 45 -0.70 -1.97 -24.89
CA TYR A 45 -0.26 -0.67 -25.36
C TYR A 45 0.30 0.10 -24.16
N PRO A 46 1.63 -0.01 -23.92
CA PRO A 46 2.29 0.67 -22.83
C PRO A 46 3.12 1.85 -23.35
N SER A 47 3.51 2.74 -22.44
CA SER A 47 4.56 3.71 -22.73
C SER A 47 5.89 2.98 -22.81
N HIS A 48 6.79 3.53 -23.62
CA HIS A 48 8.15 3.01 -23.74
C HIS A 48 9.10 3.96 -23.01
N ASP A 49 9.47 3.59 -21.78
CA ASP A 49 10.34 4.42 -20.97
C ASP A 49 11.77 4.36 -21.49
N ILE A 50 12.47 5.48 -21.41
CA ILE A 50 13.89 5.57 -21.80
C ILE A 50 14.65 6.42 -20.79
N ASP A 51 15.93 6.14 -20.64
CA ASP A 51 16.72 6.88 -19.67
C ASP A 51 17.23 8.16 -20.32
N ALA A 52 16.33 9.11 -20.45
CA ALA A 52 16.63 10.37 -21.12
C ALA A 52 17.60 11.24 -20.31
N GLY A 53 17.59 11.08 -18.99
CA GLY A 53 18.40 11.89 -18.10
C GLY A 53 17.89 13.32 -17.97
N THR A 54 16.61 13.55 -18.29
CA THR A 54 16.05 14.89 -18.25
C THR A 54 15.78 15.29 -16.80
N PRO A 55 15.70 16.60 -16.52
CA PRO A 55 15.48 17.02 -15.14
C PRO A 55 14.24 16.40 -14.49
N GLU A 56 14.40 15.92 -13.26
CA GLU A 56 13.32 15.33 -12.48
C GLU A 56 12.60 16.41 -11.69
N ASN A 57 11.26 16.40 -11.74
CA ASN A 57 10.44 17.37 -11.00
C ASN A 57 8.97 16.95 -10.91
N ASP A 58 8.19 17.74 -10.17
CA ASP A 58 6.78 17.43 -9.98
C ASP A 58 5.89 17.65 -11.20
N MET A 59 6.42 18.23 -12.26
CA MET A 59 5.70 18.34 -13.53
C MET A 59 5.98 17.15 -14.45
N GLY A 60 6.88 16.24 -14.04
CA GLY A 60 7.12 15.00 -14.78
C GLY A 60 8.06 15.14 -15.97
N ASP A 61 8.95 16.14 -15.96
CA ASP A 61 9.83 16.30 -17.13
C ASP A 61 10.77 15.09 -17.34
N HIS A 62 11.08 14.39 -16.25
CA HIS A 62 11.81 13.11 -16.29
C HIS A 62 11.17 11.95 -17.08
N PHE A 63 9.87 12.03 -17.37
CA PHE A 63 9.20 11.08 -18.25
C PHE A 63 9.25 11.67 -19.66
N ASP A 64 10.28 11.28 -20.42
CA ASP A 64 10.57 11.94 -21.70
C ASP A 64 10.51 10.96 -22.88
N MET A 65 9.44 10.18 -22.92
CA MET A 65 9.32 9.09 -23.89
C MET A 65 9.01 9.62 -25.29
N ARG A 66 9.43 8.86 -26.28
CA ARG A 66 9.44 9.31 -27.67
C ARG A 66 8.80 8.36 -28.69
N ASP A 67 8.40 7.16 -28.28
CA ASP A 67 7.74 6.24 -29.21
C ASP A 67 6.91 5.26 -28.43
N TYR A 68 6.11 4.47 -29.16
CA TYR A 68 5.34 3.38 -28.59
C TYR A 68 5.67 2.10 -29.33
N HIS A 69 5.80 1.01 -28.55
CA HIS A 69 5.85 -0.37 -29.05
C HIS A 69 4.56 -1.09 -28.61
N VAL A 70 3.94 -1.83 -29.52
CA VAL A 70 2.82 -2.71 -29.14
C VAL A 70 3.38 -4.07 -28.75
N LEU A 71 2.88 -4.62 -27.63
CA LEU A 71 3.22 -5.98 -27.21
C LEU A 71 2.02 -6.90 -27.40
N SER A 72 2.27 -8.20 -27.59
CA SER A 72 1.17 -9.16 -27.57
C SER A 72 1.53 -10.49 -26.93
N MET A 73 0.49 -11.15 -26.41
CA MET A 73 0.58 -12.45 -25.78
C MET A 73 -0.54 -13.32 -26.30
N ASN A 74 -0.22 -14.57 -26.65
CA ASN A 74 -1.25 -15.53 -27.06
C ASN A 74 -1.91 -16.24 -25.87
N SER A 75 -1.20 -16.26 -24.75
CA SER A 75 -1.67 -16.83 -23.48
C SER A 75 -1.02 -16.09 -22.32
N ILE A 76 -1.59 -16.24 -21.13
CA ILE A 76 -0.97 -15.73 -19.89
C ILE A 76 -0.85 -16.92 -18.92
N PRO A 77 0.36 -17.33 -18.53
CA PRO A 77 1.64 -16.83 -19.04
C PRO A 77 1.84 -17.16 -20.50
N GLY A 78 2.75 -16.43 -21.14
CA GLY A 78 3.07 -16.66 -22.53
C GLY A 78 4.24 -15.84 -23.02
N GLU A 79 4.79 -16.26 -24.15
CA GLU A 79 5.80 -15.49 -24.85
C GLU A 79 5.21 -14.11 -25.18
N VAL A 80 5.99 -13.06 -24.97
CA VAL A 80 5.56 -11.69 -25.27
C VAL A 80 6.27 -11.22 -26.54
N THR A 81 5.49 -10.87 -27.56
CA THR A 81 6.03 -10.35 -28.81
C THR A 81 6.06 -8.82 -28.79
N ASP A 82 7.21 -8.26 -29.15
CA ASP A 82 7.40 -6.82 -29.31
C ASP A 82 7.32 -6.56 -30.81
N HIS A 83 6.32 -5.78 -31.21
CA HIS A 83 6.05 -5.56 -32.62
C HIS A 83 6.86 -4.41 -33.26
N GLY A 84 7.81 -3.86 -32.51
CA GLY A 84 8.68 -2.81 -33.01
C GLY A 84 8.08 -1.45 -32.71
N VAL A 85 8.52 -0.42 -33.44
CA VAL A 85 8.00 0.93 -33.23
C VAL A 85 6.66 1.11 -33.96
N ALA A 86 5.61 1.28 -33.18
CA ALA A 86 4.26 1.48 -33.70
C ALA A 86 3.98 2.94 -34.06
N LEU A 87 4.61 3.86 -33.33
CA LEU A 87 4.45 5.30 -33.57
C LEU A 87 5.64 5.99 -32.96
N ASP A 88 6.18 6.96 -33.70
CA ASP A 88 7.37 7.69 -33.30
C ASP A 88 6.96 9.16 -33.24
N ILE A 89 7.37 9.84 -32.17
CA ILE A 89 7.02 11.27 -31.96
C ILE A 89 7.46 12.14 -33.14
N LYS A 90 8.58 11.78 -33.78
CA LYS A 90 9.06 12.56 -34.94
C LYS A 90 8.06 12.64 -36.10
N ASP A 91 7.14 11.66 -36.18
CA ASP A 91 6.12 11.59 -37.23
C ASP A 91 4.74 12.12 -36.82
N ILE A 92 4.60 12.62 -35.59
CA ILE A 92 3.34 13.20 -35.12
C ILE A 92 3.44 14.70 -35.32
N PRO A 93 2.71 15.24 -36.31
CA PRO A 93 3.03 16.63 -36.73
C PRO A 93 2.81 17.69 -35.66
N TRP A 94 1.79 17.51 -34.84
CA TRP A 94 1.42 18.44 -33.79
C TRP A 94 2.22 18.34 -32.48
N ALA A 95 2.92 17.24 -32.26
CA ALA A 95 3.49 16.96 -30.95
C ALA A 95 4.88 17.58 -30.79
N GLY A 96 5.14 18.13 -29.61
CA GLY A 96 6.46 18.65 -29.25
C GLY A 96 7.29 17.64 -28.48
N ARG A 97 6.70 17.06 -27.44
CA ARG A 97 7.41 16.13 -26.58
C ARG A 97 6.45 15.30 -25.75
N GLN A 98 7.00 14.23 -25.17
CA GLN A 98 6.40 13.42 -24.10
C GLN A 98 5.22 12.53 -24.50
N LEU A 99 5.52 11.34 -24.98
CA LEU A 99 4.51 10.36 -25.34
C LEU A 99 4.15 9.53 -24.11
N TRP A 100 3.07 9.92 -23.45
CA TRP A 100 2.70 9.38 -22.17
C TRP A 100 1.65 8.27 -22.36
N ALA A 101 0.94 7.87 -21.30
CA ALA A 101 0.24 6.58 -21.25
C ALA A 101 -0.85 6.45 -22.34
N PRO A 102 -0.73 5.47 -23.26
CA PRO A 102 -1.65 5.36 -24.38
C PRO A 102 -2.77 4.33 -24.17
N ASP A 103 -3.69 4.26 -25.14
CA ASP A 103 -4.68 3.17 -25.19
C ASP A 103 -5.01 2.89 -26.65
N ALA A 104 -5.73 1.80 -26.90
CA ALA A 104 -6.18 1.47 -28.24
C ALA A 104 -7.63 1.02 -28.25
N ALA A 105 -8.24 1.09 -29.43
CA ALA A 105 -9.59 0.59 -29.64
C ALA A 105 -9.71 0.00 -31.04
N SER A 106 -10.74 -0.81 -31.21
CA SER A 106 -10.97 -1.52 -32.47
C SER A 106 -12.41 -1.22 -32.88
N LYS A 107 -12.61 -0.75 -34.11
CA LYS A 107 -13.95 -0.59 -34.66
C LYS A 107 -13.94 -0.86 -36.16
N ASP A 108 -14.85 -1.75 -36.60
CA ASP A 108 -15.09 -2.01 -38.02
C ASP A 108 -13.80 -2.30 -38.79
N GLY A 109 -12.94 -3.12 -38.20
CA GLY A 109 -11.68 -3.55 -38.82
C GLY A 109 -10.54 -2.55 -38.85
N LYS A 110 -10.71 -1.39 -38.22
CA LYS A 110 -9.64 -0.42 -38.04
C LYS A 110 -9.25 -0.42 -36.57
N TYR A 111 -8.00 -0.03 -36.33
CA TYR A 111 -7.44 0.05 -34.99
C TYR A 111 -6.95 1.47 -34.75
N TYR A 112 -7.24 1.97 -33.55
CA TYR A 112 -6.98 3.36 -33.19
C TYR A 112 -6.11 3.41 -31.96
N LEU A 113 -4.97 4.09 -32.06
CA LEU A 113 -4.07 4.31 -30.92
C LEU A 113 -4.30 5.72 -30.41
N TYR A 114 -4.70 5.85 -29.14
CA TYR A 114 -4.97 7.12 -28.51
C TYR A 114 -3.83 7.43 -27.59
N PHE A 115 -3.31 8.65 -27.68
CA PHE A 115 -2.09 8.95 -26.96
C PHE A 115 -2.05 10.41 -26.48
N PRO A 116 -1.56 10.64 -25.25
CA PRO A 116 -1.34 11.98 -24.75
C PRO A 116 0.09 12.44 -25.10
N ALA A 117 0.21 13.69 -25.55
CA ALA A 117 1.51 14.32 -25.78
C ALA A 117 1.40 15.83 -25.65
N LYS A 118 2.51 16.49 -25.35
CA LYS A 118 2.53 17.94 -25.34
C LYS A 118 2.60 18.46 -26.75
N ASP A 119 1.76 19.44 -27.03
CA ASP A 119 1.82 20.16 -28.30
C ASP A 119 2.98 21.17 -28.26
N LYS A 120 3.09 22.00 -29.29
CA LYS A 120 4.22 22.92 -29.41
C LYS A 120 4.14 24.10 -28.43
N GLU A 121 2.98 24.32 -27.83
CA GLU A 121 2.83 25.29 -26.73
C GLU A 121 2.97 24.65 -25.34
N ASP A 122 3.48 23.42 -25.29
CA ASP A 122 3.70 22.67 -24.04
C ASP A 122 2.41 22.35 -23.26
N ILE A 123 1.32 22.18 -24.00
CA ILE A 123 0.01 21.83 -23.46
C ILE A 123 -0.29 20.39 -23.87
N PHE A 124 -0.55 19.52 -22.89
CA PHE A 124 -0.96 18.14 -23.17
C PHE A 124 -2.29 18.11 -23.91
N ARG A 125 -2.34 17.32 -24.98
CA ARG A 125 -3.55 17.04 -25.74
C ARG A 125 -3.55 15.56 -26.02
N ILE A 126 -4.68 15.04 -26.50
CA ILE A 126 -4.78 13.64 -26.85
C ILE A 126 -5.03 13.50 -28.33
N GLY A 127 -4.20 12.69 -28.98
CA GLY A 127 -4.31 12.42 -30.41
C GLY A 127 -4.64 10.98 -30.70
N VAL A 128 -4.89 10.72 -31.97
CA VAL A 128 -5.20 9.38 -32.44
C VAL A 128 -4.34 9.06 -33.64
N ALA A 129 -4.01 7.78 -33.75
CA ALA A 129 -3.31 7.26 -34.91
C ALA A 129 -4.02 5.98 -35.35
N VAL A 130 -3.98 5.69 -36.65
CA VAL A 130 -4.84 4.68 -37.25
C VAL A 130 -4.05 3.57 -37.95
N SER A 131 -4.53 2.34 -37.79
CA SER A 131 -3.94 1.18 -38.47
C SER A 131 -5.02 0.18 -38.87
N ASP A 132 -4.64 -0.74 -39.74
CA ASP A 132 -5.46 -1.89 -40.09
C ASP A 132 -5.12 -3.13 -39.25
N SER A 133 -4.14 -3.03 -38.33
CA SER A 133 -3.73 -4.15 -37.49
C SER A 133 -3.67 -3.71 -36.02
N PRO A 134 -4.08 -4.61 -35.09
CA PRO A 134 -3.88 -4.30 -33.66
C PRO A 134 -2.41 -4.10 -33.28
N ALA A 135 -1.49 -4.66 -34.08
CA ALA A 135 -0.07 -4.56 -33.82
C ALA A 135 0.57 -3.30 -34.43
N GLY A 136 -0.21 -2.48 -35.11
CA GLY A 136 0.30 -1.29 -35.77
C GLY A 136 1.12 -1.69 -37.01
N PRO A 137 1.96 -0.80 -37.53
CA PRO A 137 2.15 0.56 -37.02
C PRO A 137 0.97 1.48 -37.35
N PHE A 138 0.96 2.66 -36.73
CA PHE A 138 -0.18 3.56 -36.81
C PHE A 138 0.21 4.89 -37.45
N LYS A 139 -0.68 5.41 -38.31
CA LYS A 139 -0.51 6.74 -38.90
C LYS A 139 -1.22 7.78 -38.03
N PRO A 140 -0.47 8.75 -37.47
CA PRO A 140 -1.13 9.77 -36.64
C PRO A 140 -1.93 10.77 -37.45
N GLU A 141 -3.06 11.21 -36.89
CA GLU A 141 -3.78 12.36 -37.43
C GLU A 141 -2.90 13.59 -37.26
N SER A 142 -3.07 14.57 -38.14
CA SER A 142 -2.18 15.75 -38.15
C SER A 142 -2.35 16.68 -36.97
N GLU A 143 -3.56 16.71 -36.39
CA GLU A 143 -3.87 17.52 -35.22
C GLU A 143 -4.42 16.63 -34.12
N PRO A 144 -4.31 17.07 -32.85
CA PRO A 144 -4.94 16.30 -31.77
C PRO A 144 -6.46 16.37 -31.82
N ILE A 145 -7.11 15.55 -31.01
CA ILE A 145 -8.57 15.52 -30.99
C ILE A 145 -9.09 16.88 -30.53
N LYS A 146 -10.03 17.46 -31.28
CA LYS A 146 -10.57 18.77 -30.90
C LYS A 146 -11.33 18.65 -29.56
N GLY A 147 -11.02 19.58 -28.66
CA GLY A 147 -11.62 19.56 -27.32
C GLY A 147 -10.96 18.63 -26.31
N SER A 148 -9.90 17.91 -26.71
CA SER A 148 -9.12 17.12 -25.76
C SER A 148 -8.10 17.97 -25.03
N TYR A 149 -7.64 17.44 -23.90
CA TYR A 149 -6.62 18.08 -23.07
C TYR A 149 -6.18 17.07 -22.05
N SER A 150 -5.09 17.41 -21.33
CA SER A 150 -4.55 16.54 -20.31
C SER A 150 -4.14 15.18 -20.88
N ILE A 151 -4.17 14.14 -20.05
CA ILE A 151 -3.41 12.91 -20.33
C ILE A 151 -4.25 11.63 -20.13
N ASP A 152 -3.59 10.49 -20.29
CA ASP A 152 -4.09 9.19 -19.84
C ASP A 152 -5.46 8.77 -20.39
N PRO A 153 -5.59 8.72 -21.72
CA PRO A 153 -6.84 8.25 -22.29
C PRO A 153 -7.11 6.77 -22.01
N ALA A 154 -8.37 6.46 -21.78
CA ALA A 154 -8.85 5.08 -21.80
C ALA A 154 -10.09 5.11 -22.67
N VAL A 155 -10.06 4.37 -23.78
CA VAL A 155 -11.20 4.30 -24.68
C VAL A 155 -11.93 2.98 -24.48
N PHE A 156 -13.15 3.09 -23.97
CA PHE A 156 -13.95 1.97 -23.47
C PHE A 156 -15.08 1.69 -24.45
N LYS A 157 -15.20 0.45 -24.90
CA LYS A 157 -16.34 0.01 -25.71
C LYS A 157 -17.40 -0.64 -24.82
N ASP A 158 -18.55 0.02 -24.69
CA ASP A 158 -19.65 -0.52 -23.92
C ASP A 158 -20.34 -1.64 -24.75
N ASP A 159 -21.15 -2.45 -24.07
CA ASP A 159 -21.85 -3.59 -24.68
C ASP A 159 -22.82 -3.18 -25.78
N ASP A 160 -23.38 -1.98 -25.68
CA ASP A 160 -24.26 -1.42 -26.71
C ASP A 160 -23.54 -0.89 -27.96
N GLY A 161 -22.22 -1.03 -28.03
CA GLY A 161 -21.42 -0.59 -29.17
C GLY A 161 -20.98 0.87 -29.12
N LYS A 162 -21.29 1.58 -28.05
CA LYS A 162 -20.85 2.97 -27.89
C LYS A 162 -19.47 2.98 -27.29
N TYR A 163 -18.63 3.90 -27.75
CA TYR A 163 -17.26 4.03 -27.28
C TYR A 163 -17.11 5.37 -26.57
N TYR A 164 -16.40 5.36 -25.44
CA TYR A 164 -16.23 6.52 -24.60
C TYR A 164 -14.76 6.70 -24.28
N MET A 165 -14.27 7.94 -24.35
CA MET A 165 -12.93 8.23 -23.86
C MET A 165 -13.01 8.79 -22.45
N TYR A 166 -12.32 8.11 -21.52
CA TYR A 166 -12.06 8.62 -20.18
C TYR A 166 -10.67 9.21 -20.21
N PHE A 167 -10.46 10.36 -19.58
CA PHE A 167 -9.14 10.99 -19.59
C PHE A 167 -8.91 11.98 -18.47
N GLY A 168 -7.64 12.33 -18.29
CA GLY A 168 -7.23 13.35 -17.34
C GLY A 168 -6.14 12.93 -16.39
N GLY A 169 -5.38 13.91 -15.95
CA GLY A 169 -4.39 13.74 -14.89
C GLY A 169 -4.05 15.10 -14.31
N ILE A 170 -3.97 15.17 -12.99
CA ILE A 170 -3.67 16.44 -12.29
C ILE A 170 -2.15 16.61 -12.16
N TRP A 171 -1.71 17.68 -11.51
CA TRP A 171 -0.30 18.00 -11.36
C TRP A 171 0.34 18.14 -12.76
N GLY A 172 1.35 17.32 -13.09
CA GLY A 172 1.97 17.40 -14.40
C GLY A 172 1.06 17.14 -15.59
N GLY A 173 -0.05 16.43 -15.35
CA GLY A 173 -1.02 16.16 -16.39
C GLY A 173 -1.91 17.35 -16.77
N GLN A 174 -1.85 18.43 -15.99
CA GLN A 174 -2.45 19.73 -16.32
C GLN A 174 -3.96 19.81 -16.26
N LEU A 175 -4.65 18.77 -15.80
CA LEU A 175 -6.12 18.80 -15.77
C LEU A 175 -6.67 19.99 -15.00
N GLN A 176 -6.00 20.32 -13.90
CA GLN A 176 -6.39 21.45 -13.04
C GLN A 176 -6.35 22.81 -13.76
N ARG A 177 -5.68 22.87 -14.90
CA ARG A 177 -5.62 24.11 -15.70
C ARG A 177 -6.73 24.23 -16.74
N TRP A 178 -7.73 23.33 -16.72
CA TRP A 178 -8.77 23.25 -17.77
C TRP A 178 -10.24 23.50 -17.38
N THR A 179 -10.48 24.18 -16.27
CA THR A 179 -11.86 24.36 -15.78
C THR A 179 -12.85 25.17 -16.67
N THR A 180 -12.33 25.97 -17.61
CA THR A 180 -13.12 26.87 -18.44
C THR A 180 -13.26 26.38 -19.89
N GLY A 181 -12.64 25.26 -20.21
CA GLY A 181 -12.55 24.80 -21.59
C GLY A 181 -11.43 25.46 -22.37
N GLU A 182 -10.62 26.26 -21.68
CA GLU A 182 -9.40 26.86 -22.22
C GLU A 182 -8.27 26.74 -21.22
N TYR A 183 -7.06 26.55 -21.72
CA TYR A 183 -5.90 26.35 -20.86
C TYR A 183 -5.60 27.57 -20.03
N ALA A 184 -5.44 27.39 -18.73
CA ALA A 184 -5.26 28.49 -17.78
C ALA A 184 -3.87 29.13 -17.84
N GLY A 185 -2.90 28.44 -18.43
CA GLY A 185 -1.55 28.99 -18.64
C GLY A 185 -0.49 28.29 -17.82
N HIS A 186 0.77 28.44 -18.23
CA HIS A 186 1.88 27.77 -17.55
C HIS A 186 2.17 28.27 -16.13
N ASP A 187 1.69 29.46 -15.79
CA ASP A 187 1.81 29.97 -14.42
C ASP A 187 0.59 29.64 -13.52
N ALA A 188 -0.36 28.84 -14.02
CA ALA A 188 -1.52 28.40 -13.23
C ALA A 188 -1.16 27.24 -12.29
N SER A 189 -2.14 26.72 -11.56
CA SER A 189 -1.88 25.69 -10.55
C SER A 189 -1.01 24.53 -11.06
N LYS A 190 0.01 24.18 -10.29
CA LYS A 190 0.85 23.01 -10.57
C LYS A 190 0.29 21.74 -9.96
N THR A 191 -0.83 21.83 -9.22
CA THR A 191 -1.37 20.67 -8.49
C THR A 191 -2.86 20.45 -8.80
N ASP A 192 -3.74 21.13 -8.07
CA ASP A 192 -5.17 20.89 -8.15
C ASP A 192 -5.92 22.22 -7.97
N LEU A 193 -7.16 22.20 -7.48
CA LEU A 193 -7.92 23.45 -7.25
C LEU A 193 -7.42 24.26 -6.05
N GLU A 194 -6.58 23.66 -5.21
CA GLU A 194 -6.07 24.29 -3.99
C GLU A 194 -7.26 24.75 -3.14
N GLN A 195 -8.26 23.88 -3.04
CA GLN A 195 -9.39 24.09 -2.15
C GLN A 195 -9.81 22.73 -1.64
N ASP A 196 -9.17 22.31 -0.55
CA ASP A 196 -9.29 20.96 -0.05
C ASP A 196 -10.65 20.58 0.50
N ASP A 197 -11.49 21.57 0.83
CA ASP A 197 -12.85 21.30 1.28
C ASP A 197 -13.89 21.35 0.18
N ALA A 198 -13.48 21.63 -1.06
CA ALA A 198 -14.33 21.51 -2.23
C ALA A 198 -14.21 20.10 -2.78
N PRO A 199 -15.20 19.67 -3.59
CA PRO A 199 -15.02 18.41 -4.30
C PRO A 199 -13.70 18.36 -5.06
N ALA A 200 -13.06 17.21 -5.06
CA ALA A 200 -11.85 17.01 -5.83
C ALA A 200 -12.18 17.10 -7.31
N ILE A 201 -11.17 17.42 -8.12
CA ILE A 201 -11.31 17.40 -9.57
C ILE A 201 -11.63 15.97 -10.01
N GLY A 202 -12.58 15.84 -10.93
CA GLY A 202 -12.96 14.55 -11.46
C GLY A 202 -12.35 14.32 -12.84
N PRO A 203 -12.18 13.05 -13.22
CA PRO A 203 -11.76 12.74 -14.58
C PRO A 203 -12.84 13.10 -15.61
N ARG A 204 -12.44 13.07 -16.86
CA ARG A 204 -13.27 13.51 -17.98
C ARG A 204 -13.76 12.35 -18.80
N ILE A 205 -14.92 12.54 -19.44
CA ILE A 205 -15.46 11.55 -20.36
C ILE A 205 -16.09 12.25 -21.56
N ALA A 206 -15.94 11.62 -22.71
CA ALA A 206 -16.75 11.96 -23.88
C ALA A 206 -17.06 10.73 -24.73
N LEU A 207 -18.32 10.62 -25.14
CA LEU A 207 -18.69 9.74 -26.22
C LEU A 207 -17.87 10.05 -27.47
N MET A 208 -17.35 8.99 -28.09
CA MET A 208 -16.57 9.11 -29.32
C MET A 208 -17.50 9.21 -30.52
N SER A 209 -17.03 9.92 -31.52
CA SER A 209 -17.67 9.98 -32.82
C SER A 209 -17.69 8.63 -33.50
N ASP A 210 -18.60 8.45 -34.45
CA ASP A 210 -18.70 7.19 -35.18
C ASP A 210 -17.36 6.80 -35.83
N ASP A 211 -16.63 7.79 -36.34
CA ASP A 211 -15.36 7.52 -37.03
C ASP A 211 -14.14 7.44 -36.10
N MET A 212 -14.36 7.58 -34.79
CA MET A 212 -13.33 7.38 -33.76
C MET A 212 -12.21 8.43 -33.74
N LEU A 213 -12.39 9.54 -34.48
CA LEU A 213 -11.37 10.59 -34.55
C LEU A 213 -11.69 11.82 -33.72
N SER A 214 -12.90 11.90 -33.17
CA SER A 214 -13.33 13.11 -32.49
C SER A 214 -14.31 12.74 -31.39
N PHE A 215 -14.64 13.73 -30.59
CA PHE A 215 -15.68 13.58 -29.58
C PHE A 215 -17.06 13.93 -30.16
N ALA A 216 -18.08 13.20 -29.71
CA ALA A 216 -19.45 13.34 -30.22
C ALA A 216 -20.31 14.27 -29.36
N GLU A 217 -19.75 14.82 -28.29
CA GLU A 217 -20.48 15.66 -27.35
C GLU A 217 -19.49 16.55 -26.63
N PRO A 218 -19.98 17.60 -25.96
CA PRO A 218 -19.12 18.32 -25.05
C PRO A 218 -18.57 17.41 -23.94
N VAL A 219 -17.31 17.63 -23.59
CA VAL A 219 -16.63 16.82 -22.56
C VAL A 219 -17.36 17.03 -21.22
N LYS A 220 -17.55 15.94 -20.48
CA LYS A 220 -18.20 15.95 -19.16
C LYS A 220 -17.19 15.59 -18.08
N GLU A 221 -17.42 16.10 -16.86
CA GLU A 221 -16.62 15.72 -15.68
C GLU A 221 -17.38 14.67 -14.91
N ILE A 222 -16.66 13.70 -14.38
CA ILE A 222 -17.24 12.56 -13.68
C ILE A 222 -17.22 12.88 -12.19
N SER A 223 -18.35 12.64 -11.52
CA SER A 223 -18.45 12.82 -10.07
C SER A 223 -18.10 11.53 -9.36
N ILE A 224 -17.19 11.61 -8.41
CA ILE A 224 -16.88 10.46 -7.55
C ILE A 224 -17.30 10.82 -6.12
N VAL A 225 -18.06 9.91 -5.50
CA VAL A 225 -18.62 10.14 -4.18
C VAL A 225 -18.21 9.03 -3.24
N ASP A 226 -18.33 9.32 -1.95
CA ASP A 226 -18.15 8.29 -0.95
C ASP A 226 -19.44 7.45 -0.78
N GLU A 227 -19.32 6.43 0.04
CA GLU A 227 -20.42 5.54 0.42
C GLU A 227 -21.71 6.24 0.91
N GLN A 228 -21.57 7.40 1.52
CA GLN A 228 -22.70 8.22 1.97
C GLN A 228 -23.27 9.12 0.85
N GLY A 229 -22.63 9.14 -0.31
CA GLY A 229 -23.06 9.98 -1.43
C GLY A 229 -22.44 11.37 -1.44
N ASN A 230 -21.48 11.63 -0.55
CA ASN A 230 -20.82 12.93 -0.51
C ASN A 230 -19.63 12.97 -1.46
N PRO A 231 -19.40 14.12 -2.11
CA PRO A 231 -18.25 14.15 -3.03
C PRO A 231 -16.94 13.86 -2.31
N ILE A 232 -16.07 13.11 -2.99
CA ILE A 232 -14.70 12.97 -2.53
C ILE A 232 -14.06 14.36 -2.61
N LEU A 233 -13.43 14.79 -1.52
CA LEU A 233 -12.92 16.15 -1.41
C LEU A 233 -11.48 16.24 -1.89
N GLY A 234 -11.10 17.44 -2.31
CA GLY A 234 -9.74 17.75 -2.73
C GLY A 234 -8.66 17.35 -1.73
N GLY A 235 -8.94 17.49 -0.44
CA GLY A 235 -7.96 17.08 0.59
C GLY A 235 -7.83 15.58 0.86
N ASP A 236 -8.71 14.77 0.26
CA ASP A 236 -8.74 13.34 0.52
C ASP A 236 -7.84 12.66 -0.51
N HIS A 237 -6.54 12.79 -0.33
CA HIS A 237 -5.58 12.28 -1.34
C HIS A 237 -5.53 10.76 -1.40
N ASP A 238 -6.00 10.06 -0.37
CA ASP A 238 -6.06 8.60 -0.40
C ASP A 238 -7.09 8.08 -1.41
N ARG A 239 -8.12 8.87 -1.73
CA ARG A 239 -9.24 8.42 -2.53
C ARG A 239 -9.48 9.23 -3.81
N ARG A 240 -9.00 10.47 -3.87
CA ARG A 240 -9.37 11.35 -4.97
C ARG A 240 -8.57 11.05 -6.22
N PHE A 241 -9.20 11.31 -7.35
CA PHE A 241 -8.61 11.06 -8.68
C PHE A 241 -7.31 11.81 -8.92
N PHE A 242 -6.27 11.10 -9.37
CA PHE A 242 -5.05 11.77 -9.80
C PHE A 242 -4.78 11.56 -11.28
N GLU A 243 -4.75 10.30 -11.73
CA GLU A 243 -4.44 9.99 -13.13
C GLU A 243 -4.82 8.54 -13.43
N ALA A 244 -4.56 8.09 -14.66
CA ALA A 244 -4.69 6.68 -15.05
C ALA A 244 -6.12 6.11 -14.97
N ALA A 245 -7.11 6.88 -15.42
CA ALA A 245 -8.47 6.36 -15.46
C ALA A 245 -8.58 5.10 -16.31
N TRP A 246 -9.41 4.16 -15.88
CA TRP A 246 -9.71 2.96 -16.66
C TRP A 246 -11.15 2.58 -16.38
N MET A 247 -11.84 2.07 -17.39
CA MET A 247 -13.23 1.62 -17.27
C MET A 247 -13.34 0.15 -17.67
N HIS A 248 -14.02 -0.64 -16.85
CA HIS A 248 -14.43 -1.98 -17.26
C HIS A 248 -15.80 -2.25 -16.67
N LYS A 249 -16.47 -3.25 -17.22
CA LYS A 249 -17.80 -3.62 -16.77
C LYS A 249 -17.79 -5.06 -16.28
N TYR A 250 -18.54 -5.31 -15.22
CA TYR A 250 -18.65 -6.64 -14.62
C TYR A 250 -20.05 -6.79 -14.06
N ASN A 251 -20.78 -7.80 -14.55
CA ASN A 251 -22.13 -8.11 -14.05
C ASN A 251 -23.03 -6.87 -14.02
N GLY A 252 -23.02 -6.10 -15.10
CA GLY A 252 -23.87 -4.92 -15.25
C GLY A 252 -23.45 -3.66 -14.54
N THR A 253 -22.32 -3.68 -13.85
CA THR A 253 -21.83 -2.53 -13.10
C THR A 253 -20.59 -1.97 -13.80
N TYR A 254 -20.48 -0.63 -13.81
CA TYR A 254 -19.37 0.08 -14.41
C TYR A 254 -18.35 0.37 -13.32
N TYR A 255 -17.08 0.06 -13.60
CA TYR A 255 -15.98 0.17 -12.64
C TYR A 255 -14.98 1.21 -13.14
N LEU A 256 -14.97 2.37 -12.50
CA LEU A 256 -13.99 3.39 -12.79
C LEU A 256 -12.84 3.15 -11.84
N SER A 257 -11.69 2.76 -12.38
CA SER A 257 -10.50 2.64 -11.56
C SER A 257 -9.46 3.69 -11.99
N TYR A 258 -8.55 4.00 -11.09
CA TYR A 258 -7.61 5.12 -11.30
C TYR A 258 -6.54 5.13 -10.24
N SER A 259 -5.48 5.86 -10.55
CA SER A 259 -4.38 6.12 -9.62
C SER A 259 -4.66 7.35 -8.77
N THR A 260 -4.25 7.28 -7.50
CA THR A 260 -4.35 8.42 -6.55
C THR A 260 -3.03 9.21 -6.43
N GLY A 261 -2.03 8.85 -7.21
CA GLY A 261 -0.86 9.70 -7.40
C GLY A 261 0.06 9.76 -6.20
N ASP A 262 0.00 10.87 -5.48
CA ASP A 262 0.88 11.05 -4.32
C ASP A 262 0.63 10.08 -3.17
N THR A 263 -0.48 9.36 -3.18
CA THR A 263 -0.74 8.29 -2.22
C THR A 263 -0.56 6.88 -2.80
N HIS A 264 -0.33 6.80 -4.10
CA HIS A 264 0.25 5.61 -4.77
C HIS A 264 -0.65 4.39 -4.86
N TYR A 265 -1.97 4.58 -4.80
CA TYR A 265 -2.94 3.48 -4.90
C TYR A 265 -3.60 3.46 -6.27
N ILE A 266 -3.93 2.27 -6.73
CA ILE A 266 -4.99 2.11 -7.71
C ILE A 266 -6.21 1.81 -6.88
N VAL A 267 -7.26 2.62 -7.07
CA VAL A 267 -8.55 2.43 -6.41
C VAL A 267 -9.66 2.26 -7.43
N TYR A 268 -10.84 1.90 -6.97
CA TYR A 268 -11.99 1.76 -7.84
C TYR A 268 -13.27 2.28 -7.21
N ALA A 269 -14.19 2.66 -8.09
CA ALA A 269 -15.48 3.23 -7.72
C ALA A 269 -16.49 2.67 -8.70
N THR A 270 -17.72 2.41 -8.27
CA THR A 270 -18.70 1.72 -9.12
C THR A 270 -19.92 2.60 -9.40
N GLY A 271 -20.50 2.41 -10.59
CA GLY A 271 -21.68 3.17 -11.01
C GLY A 271 -22.55 2.37 -11.97
N ASP A 272 -23.69 2.94 -12.36
CA ASP A 272 -24.65 2.20 -13.19
C ASP A 272 -24.69 2.63 -14.63
N ASN A 273 -23.82 3.55 -15.02
CA ASN A 273 -23.74 4.01 -16.39
C ASN A 273 -22.37 4.62 -16.67
N PRO A 274 -22.02 4.85 -17.94
CA PRO A 274 -20.65 5.32 -18.23
C PRO A 274 -20.25 6.64 -17.57
N TYR A 275 -21.22 7.53 -17.33
CA TYR A 275 -20.96 8.88 -16.86
C TYR A 275 -20.91 9.02 -15.34
N GLY A 276 -21.29 7.96 -14.64
CA GLY A 276 -21.33 7.97 -13.18
C GLY A 276 -22.61 8.68 -12.71
N PRO A 277 -22.65 9.14 -11.48
CA PRO A 277 -21.52 9.17 -10.54
C PRO A 277 -21.06 7.79 -10.11
N PHE A 278 -19.83 7.73 -9.63
CA PHE A 278 -19.20 6.48 -9.16
C PHE A 278 -18.96 6.58 -7.67
N THR A 279 -19.28 5.49 -6.97
CA THR A 279 -19.12 5.43 -5.54
C THR A 279 -17.82 4.72 -5.21
N TYR A 280 -16.91 5.42 -4.54
CA TYR A 280 -15.64 4.86 -4.08
C TYR A 280 -15.88 3.56 -3.30
N ARG A 281 -15.18 2.50 -3.69
CA ARG A 281 -15.32 1.19 -3.04
C ARG A 281 -14.08 0.76 -2.26
N GLY A 282 -12.92 0.82 -2.90
CA GLY A 282 -11.70 0.38 -2.23
C GLY A 282 -10.50 0.36 -3.13
N VAL A 283 -9.45 -0.31 -2.64
CA VAL A 283 -8.17 -0.37 -3.30
C VAL A 283 -8.08 -1.60 -4.21
N ILE A 284 -7.63 -1.38 -5.43
CA ILE A 284 -7.31 -2.45 -6.38
C ILE A 284 -5.89 -2.91 -6.15
N LEU A 285 -4.96 -1.95 -6.12
CA LEU A 285 -3.53 -2.26 -6.05
C LEU A 285 -2.85 -1.34 -5.08
N ASN A 286 -2.19 -1.92 -4.09
CA ASN A 286 -1.37 -1.16 -3.17
C ASN A 286 -0.08 -0.61 -3.82
N PRO A 287 0.63 0.29 -3.11
CA PRO A 287 1.75 0.95 -3.75
C PRO A 287 2.87 0.01 -4.20
N VAL A 288 3.48 0.36 -5.32
CA VAL A 288 4.53 -0.43 -5.92
C VAL A 288 5.89 0.23 -5.66
N ILE A 289 6.94 -0.43 -6.15
CA ILE A 289 8.26 0.14 -6.24
C ILE A 289 8.22 1.24 -7.30
N GLY A 290 8.64 2.44 -6.91
CA GLY A 290 8.64 3.60 -7.79
C GLY A 290 7.37 4.42 -7.58
N TRP A 291 7.46 5.72 -7.89
CA TRP A 291 6.39 6.65 -7.52
C TRP A 291 5.06 6.37 -8.21
N THR A 292 5.08 6.11 -9.51
CA THR A 292 3.85 5.99 -10.27
C THR A 292 3.19 4.61 -10.10
N ASN A 293 1.90 4.57 -10.35
CA ASN A 293 1.13 3.32 -10.29
C ASN A 293 0.13 3.47 -11.42
N HIS A 294 0.11 2.55 -12.37
CA HIS A 294 -0.73 2.69 -13.57
C HIS A 294 -1.06 1.31 -14.12
N HIS A 295 -2.31 1.11 -14.51
CA HIS A 295 -2.84 -0.23 -14.67
C HIS A 295 -3.85 -0.34 -15.80
N SER A 296 -4.30 -1.56 -16.03
CA SER A 296 -5.53 -1.82 -16.77
C SER A 296 -6.09 -3.15 -16.30
N ILE A 297 -7.37 -3.36 -16.56
CA ILE A 297 -8.11 -4.52 -16.09
C ILE A 297 -8.82 -5.12 -17.29
N VAL A 298 -8.59 -6.41 -17.55
CA VAL A 298 -9.06 -7.03 -18.78
C VAL A 298 -9.45 -8.50 -18.57
N GLU A 299 -10.50 -8.91 -19.27
CA GLU A 299 -10.94 -10.30 -19.23
C GLU A 299 -10.39 -11.05 -20.45
N PHE A 300 -9.80 -12.21 -20.20
CA PHE A 300 -9.18 -13.01 -21.25
C PHE A 300 -9.37 -14.47 -20.89
N ASN A 301 -9.98 -15.23 -21.81
CA ASN A 301 -10.34 -16.62 -21.56
C ASN A 301 -11.11 -16.85 -20.27
N GLY A 302 -11.98 -15.91 -19.93
CA GLY A 302 -12.84 -16.01 -18.75
C GLY A 302 -12.16 -15.75 -17.41
N LYS A 303 -10.92 -15.28 -17.42
CA LYS A 303 -10.24 -14.80 -16.23
C LYS A 303 -10.03 -13.31 -16.33
N TRP A 304 -10.02 -12.65 -15.18
CA TRP A 304 -9.75 -11.22 -15.12
C TRP A 304 -8.30 -11.00 -14.69
N TYR A 305 -7.64 -10.06 -15.36
CA TYR A 305 -6.23 -9.75 -15.11
C TYR A 305 -6.06 -8.27 -14.84
N LEU A 306 -5.17 -7.96 -13.91
CA LEU A 306 -4.65 -6.62 -13.66
C LEU A 306 -3.26 -6.54 -14.26
N PHE A 307 -3.11 -5.69 -15.29
CA PHE A 307 -1.81 -5.30 -15.82
C PHE A 307 -1.37 -4.04 -15.08
N TYR A 308 -0.12 -3.97 -14.67
CA TYR A 308 0.37 -2.83 -13.91
C TYR A 308 1.87 -2.69 -14.18
N HIS A 309 2.52 -1.75 -13.51
CA HIS A 309 3.98 -1.61 -13.62
C HIS A 309 4.65 -1.35 -12.29
N ASP A 310 5.98 -1.51 -12.29
CA ASP A 310 6.78 -0.97 -11.20
C ASP A 310 8.19 -0.61 -11.68
N SER A 311 9.03 -0.14 -10.76
CA SER A 311 10.41 0.24 -11.08
C SER A 311 11.42 -0.81 -10.59
N SER A 312 11.00 -2.07 -10.53
CA SER A 312 11.84 -3.13 -9.99
C SER A 312 13.05 -3.44 -10.89
N LEU A 313 12.80 -3.57 -12.20
CA LEU A 313 13.87 -3.90 -13.16
C LEU A 313 15.00 -2.88 -13.17
N SER A 314 14.67 -1.59 -13.04
CA SER A 314 15.67 -0.53 -13.03
C SER A 314 16.33 -0.30 -11.67
N GLY A 315 15.97 -1.11 -10.67
CA GLY A 315 16.48 -0.92 -9.32
C GLY A 315 15.89 0.30 -8.63
N GLY A 316 14.67 0.66 -9.02
CA GLY A 316 13.91 1.66 -8.31
C GLY A 316 13.85 3.04 -8.94
N LYS A 317 14.23 3.19 -10.21
CA LYS A 317 14.14 4.49 -10.88
C LYS A 317 12.70 4.71 -11.33
N THR A 318 12.10 5.77 -10.80
CA THR A 318 10.69 6.08 -11.06
C THR A 318 10.34 6.14 -12.56
N HIS A 319 11.24 6.67 -13.38
CA HIS A 319 11.01 6.82 -14.83
C HIS A 319 11.47 5.63 -15.71
N LEU A 320 11.92 4.54 -15.11
CA LEU A 320 12.31 3.35 -15.88
C LEU A 320 11.57 2.15 -15.31
N ARG A 321 10.43 1.86 -15.92
CA ARG A 321 9.49 0.95 -15.36
C ARG A 321 9.46 -0.35 -16.14
N CYS A 322 8.78 -1.34 -15.59
CA CYS A 322 8.49 -2.59 -16.31
C CYS A 322 7.07 -3.05 -16.00
N ILE A 323 6.36 -3.50 -17.02
CA ILE A 323 4.99 -3.99 -16.84
C ILE A 323 4.97 -5.40 -16.29
N LYS A 324 3.92 -5.66 -15.52
CA LYS A 324 3.66 -6.94 -14.89
C LYS A 324 2.15 -7.26 -14.99
N VAL A 325 1.79 -8.50 -14.69
CA VAL A 325 0.40 -8.92 -14.70
C VAL A 325 0.12 -9.87 -13.54
N THR A 326 -1.10 -9.80 -13.02
CA THR A 326 -1.55 -10.75 -12.04
C THR A 326 -3.06 -10.95 -12.19
N GLU A 327 -3.55 -12.06 -11.68
CA GLU A 327 -5.00 -12.34 -11.70
C GLU A 327 -5.74 -11.44 -10.72
N LEU A 328 -6.89 -10.94 -11.17
CA LEU A 328 -7.77 -10.08 -10.36
C LEU A 328 -9.07 -10.83 -10.08
N THR A 329 -9.54 -10.72 -8.83
CA THR A 329 -10.71 -11.47 -8.34
C THR A 329 -11.86 -10.54 -7.99
N HIS A 330 -12.93 -10.60 -8.79
CA HIS A 330 -14.20 -9.99 -8.42
C HIS A 330 -14.98 -10.97 -7.56
N ASN A 331 -15.66 -10.45 -6.53
CA ASN A 331 -16.65 -11.19 -5.80
C ASN A 331 -18.00 -11.00 -6.49
N ALA A 332 -18.96 -11.88 -6.24
CA ALA A 332 -20.24 -11.80 -6.93
C ALA A 332 -21.04 -10.59 -6.50
N ASP A 333 -20.72 -10.03 -5.33
CA ASP A 333 -21.35 -8.77 -4.88
C ASP A 333 -20.74 -7.52 -5.50
N GLY A 334 -19.83 -7.70 -6.47
CA GLY A 334 -19.21 -6.60 -7.18
C GLY A 334 -17.96 -6.02 -6.55
N THR A 335 -17.62 -6.41 -5.31
CA THR A 335 -16.36 -5.98 -4.71
C THR A 335 -15.19 -6.73 -5.36
N ILE A 336 -14.00 -6.12 -5.29
CA ILE A 336 -12.78 -6.68 -5.87
C ILE A 336 -11.78 -6.85 -4.74
N GLU A 337 -11.10 -7.99 -4.72
CA GLU A 337 -10.06 -8.27 -3.73
C GLU A 337 -8.86 -7.39 -4.00
N THR A 338 -8.36 -6.75 -2.94
CA THR A 338 -7.21 -5.87 -3.07
C THR A 338 -5.95 -6.69 -3.32
N ILE A 339 -5.15 -6.26 -4.28
CA ILE A 339 -3.87 -6.87 -4.57
C ILE A 339 -2.75 -6.07 -3.90
N SER A 340 -1.88 -6.76 -3.16
CA SER A 340 -0.66 -6.18 -2.66
C SER A 340 0.47 -6.78 -3.47
N PRO A 341 1.28 -5.93 -4.10
CA PRO A 341 2.18 -6.41 -5.16
C PRO A 341 3.30 -7.36 -4.76
N TYR A 342 3.77 -7.33 -3.51
CA TYR A 342 4.99 -8.08 -3.14
C TYR A 342 4.77 -9.06 -1.99
N ILE A 343 3.57 -9.66 -1.97
CA ILE A 343 3.20 -10.68 -0.99
C ILE A 343 2.94 -11.94 -1.78
N GLU A 344 3.78 -12.97 -1.57
CA GLU A 344 3.73 -14.29 -2.24
C GLU A 344 4.80 -14.33 -3.32
N HIS B 20 19.55 4.88 3.33
CA HIS B 20 18.42 4.98 2.36
C HIS B 20 17.58 3.70 2.34
N MET B 21 17.06 3.31 3.51
CA MET B 21 16.17 2.14 3.68
C MET B 21 16.76 0.78 3.23
N GLU B 22 18.06 0.58 3.45
CA GLU B 22 18.70 -0.75 3.36
C GLU B 22 18.40 -1.51 4.66
N PRO B 23 18.53 -2.84 4.66
CA PRO B 23 18.35 -3.56 5.93
C PRO B 23 19.39 -3.12 6.96
N LEU B 24 18.95 -2.92 8.20
CA LEU B 24 19.85 -2.51 9.29
C LEU B 24 20.82 -3.60 9.70
N VAL B 25 20.39 -4.84 9.54
CA VAL B 25 21.11 -6.03 9.98
C VAL B 25 21.10 -6.97 8.79
N THR B 26 22.27 -7.52 8.43
CA THR B 26 22.37 -8.46 7.30
C THR B 26 22.88 -9.87 7.64
N HIS B 27 23.29 -10.10 8.88
CA HIS B 27 23.91 -11.39 9.28
C HIS B 27 22.94 -12.37 9.96
N ILE B 28 21.79 -11.88 10.42
CA ILE B 28 20.67 -12.72 10.86
C ILE B 28 19.38 -12.08 10.34
N TYR B 29 18.30 -12.85 10.32
CA TYR B 29 16.98 -12.31 9.99
C TYR B 29 16.34 -11.72 11.26
N THR B 30 15.73 -10.55 11.12
CA THR B 30 15.14 -9.81 12.24
C THR B 30 13.76 -9.29 11.87
N ALA B 31 12.88 -9.16 12.86
CA ALA B 31 11.49 -8.72 12.63
C ALA B 31 10.93 -7.97 13.81
N ASP B 32 9.81 -7.31 13.60
CA ASP B 32 8.99 -6.77 14.68
C ASP B 32 9.79 -5.82 15.58
N PRO B 33 10.48 -4.83 15.00
CA PRO B 33 11.39 -4.04 15.81
C PRO B 33 10.71 -3.11 16.83
N SER B 34 11.07 -3.23 18.10
CA SER B 34 10.70 -2.27 19.14
C SER B 34 11.91 -1.43 19.54
N ALA B 35 11.92 -0.16 19.18
CA ALA B 35 13.06 0.72 19.41
C ALA B 35 12.81 1.64 20.60
N HIS B 36 13.82 1.75 21.47
CA HIS B 36 13.78 2.62 22.65
C HIS B 36 15.08 3.41 22.74
N VAL B 37 15.01 4.56 23.40
CA VAL B 37 16.24 5.31 23.73
C VAL B 37 16.55 5.04 25.18
N PHE B 38 17.62 4.29 25.42
CA PHE B 38 18.15 4.00 26.74
C PHE B 38 19.62 4.41 26.77
N ASP B 39 20.05 5.09 27.84
CA ASP B 39 21.47 5.52 27.99
C ASP B 39 21.97 6.36 26.79
N GLY B 40 21.11 7.20 26.25
CA GLY B 40 21.43 8.00 25.06
C GLY B 40 21.69 7.26 23.75
N LYS B 41 21.40 5.95 23.71
CA LYS B 41 21.55 5.13 22.49
C LYS B 41 20.16 4.64 22.07
N VAL B 42 20.03 4.21 20.81
CA VAL B 42 18.83 3.50 20.36
C VAL B 42 19.05 2.01 20.57
N TYR B 43 18.22 1.41 21.41
CA TYR B 43 18.21 -0.04 21.57
C TYR B 43 16.99 -0.59 20.86
N ILE B 44 17.18 -1.69 20.14
CA ILE B 44 16.11 -2.31 19.34
C ILE B 44 15.91 -3.74 19.82
N TYR B 45 14.64 -4.10 20.02
CA TYR B 45 14.23 -5.41 20.51
C TYR B 45 13.34 -6.02 19.45
N PRO B 46 13.95 -6.77 18.50
CA PRO B 46 13.21 -7.47 17.47
C PRO B 46 13.10 -8.96 17.71
N SER B 47 12.23 -9.60 16.96
CA SER B 47 12.22 -11.05 16.88
C SER B 47 13.43 -11.50 16.06
N HIS B 48 13.91 -12.72 16.33
CA HIS B 48 15.03 -13.30 15.59
C HIS B 48 14.48 -14.45 14.75
N ASP B 49 14.25 -14.17 13.47
CA ASP B 49 13.64 -15.10 12.56
C ASP B 49 14.62 -16.20 12.21
N ILE B 50 14.13 -17.43 12.11
CA ILE B 50 14.96 -18.56 11.67
C ILE B 50 14.17 -19.42 10.69
N ASP B 51 14.90 -20.12 9.84
CA ASP B 51 14.31 -20.94 8.80
C ASP B 51 14.04 -22.31 9.40
N ALA B 52 12.96 -22.41 10.18
CA ALA B 52 12.63 -23.64 10.90
C ALA B 52 12.01 -24.74 10.02
N GLY B 53 11.51 -24.38 8.84
CA GLY B 53 10.94 -25.35 7.91
C GLY B 53 9.49 -25.76 8.14
N THR B 54 8.83 -25.18 9.15
CA THR B 54 7.42 -25.45 9.43
C THR B 54 6.58 -24.71 8.39
N PRO B 55 5.59 -25.37 7.77
CA PRO B 55 4.95 -24.77 6.58
C PRO B 55 3.94 -23.65 6.89
N GLU B 56 3.81 -22.69 5.97
CA GLU B 56 2.98 -21.50 6.20
C GLU B 56 1.50 -21.83 6.30
N ASN B 57 0.88 -21.42 7.41
CA ASN B 57 -0.57 -21.51 7.58
C ASN B 57 -1.12 -20.28 8.30
N ASP B 58 -2.44 -20.20 8.34
CA ASP B 58 -3.13 -19.05 8.93
C ASP B 58 -2.90 -18.86 10.41
N MET B 59 -2.50 -19.92 11.13
CA MET B 59 -2.22 -19.79 12.56
C MET B 59 -0.76 -19.39 12.88
N GLY B 60 0.07 -19.24 11.86
CA GLY B 60 1.41 -18.68 12.02
C GLY B 60 2.46 -19.70 12.45
N ASP B 61 2.23 -20.98 12.13
CA ASP B 61 3.21 -22.03 12.49
C ASP B 61 4.58 -21.84 11.87
N HIS B 62 4.64 -21.19 10.71
CA HIS B 62 5.89 -20.81 10.05
C HIS B 62 6.82 -19.86 10.83
N PHE B 63 6.28 -19.15 11.82
CA PHE B 63 7.05 -18.29 12.72
C PHE B 63 7.40 -19.10 13.96
N ASP B 64 8.58 -19.71 13.96
CA ASP B 64 8.97 -20.64 15.03
C ASP B 64 10.25 -20.19 15.75
N MET B 65 10.32 -18.90 16.08
CA MET B 65 11.51 -18.33 16.66
C MET B 65 11.79 -18.85 18.09
N ARG B 66 13.06 -18.87 18.46
CA ARG B 66 13.53 -19.47 19.72
C ARG B 66 14.37 -18.57 20.61
N ASP B 67 14.76 -17.38 20.15
CA ASP B 67 15.55 -16.49 21.00
C ASP B 67 15.41 -15.06 20.57
N TYR B 68 15.94 -14.16 21.40
CA TYR B 68 16.05 -12.74 21.09
C TYR B 68 17.49 -12.27 21.21
N HIS B 69 17.92 -11.50 20.23
CA HIS B 69 19.12 -10.66 20.30
C HIS B 69 18.71 -9.21 20.46
N VAL B 70 19.41 -8.46 21.30
CA VAL B 70 19.22 -7.02 21.38
C VAL B 70 20.23 -6.33 20.47
N LEU B 71 19.77 -5.28 19.78
CA LEU B 71 20.59 -4.49 18.88
C LEU B 71 20.69 -3.06 19.40
N SER B 72 21.76 -2.36 19.04
CA SER B 72 21.84 -0.94 19.36
C SER B 72 22.53 -0.14 18.29
N MET B 73 22.18 1.14 18.26
CA MET B 73 22.78 2.16 17.39
C MET B 73 23.07 3.40 18.20
N ASN B 74 24.22 4.03 17.95
CA ASN B 74 24.56 5.30 18.61
C ASN B 74 24.05 6.52 17.84
N SER B 75 23.75 6.33 16.56
CA SER B 75 23.17 7.36 15.72
C SER B 75 22.35 6.69 14.63
N ILE B 76 21.45 7.46 14.03
CA ILE B 76 20.67 7.03 12.86
C ILE B 76 20.96 8.04 11.74
N PRO B 77 21.55 7.63 10.62
CA PRO B 77 22.07 6.28 10.40
C PRO B 77 23.28 6.01 11.28
N GLY B 78 23.67 4.75 11.36
CA GLY B 78 24.82 4.36 12.15
C GLY B 78 25.03 2.87 12.15
N GLU B 79 26.19 2.46 12.63
CA GLU B 79 26.54 1.07 12.77
C GLU B 79 25.62 0.43 13.80
N VAL B 80 25.17 -0.78 13.51
CA VAL B 80 24.27 -1.52 14.39
C VAL B 80 25.06 -2.62 15.07
N THR B 81 25.04 -2.63 16.40
CA THR B 81 25.70 -3.63 17.18
C THR B 81 24.71 -4.69 17.62
N ASP B 82 25.08 -5.94 17.38
CA ASP B 82 24.35 -7.10 17.84
C ASP B 82 25.00 -7.54 19.14
N HIS B 83 24.25 -7.45 20.24
CA HIS B 83 24.77 -7.81 21.57
C HIS B 83 24.67 -9.28 21.91
N GLY B 84 24.27 -10.12 20.95
CA GLY B 84 24.21 -11.54 21.12
C GLY B 84 22.89 -11.98 21.68
N VAL B 85 22.79 -13.26 22.04
CA VAL B 85 21.54 -13.79 22.58
C VAL B 85 21.28 -13.16 23.96
N ALA B 86 20.12 -12.55 24.10
CA ALA B 86 19.67 -11.94 25.36
C ALA B 86 18.73 -12.86 26.14
N LEU B 87 18.02 -13.75 25.45
CA LEU B 87 17.09 -14.68 26.05
C LEU B 87 16.79 -15.81 25.07
N ASP B 88 16.84 -17.05 25.57
CA ASP B 88 16.60 -18.25 24.76
C ASP B 88 15.41 -18.97 25.35
N ILE B 89 14.55 -19.50 24.48
CA ILE B 89 13.35 -20.20 24.94
C ILE B 89 13.62 -21.38 25.90
N LYS B 90 14.77 -22.03 25.74
N LYS B 90 14.77 -22.04 25.74
CA LYS B 90 15.14 -23.16 26.61
C LYS B 90 15.22 -22.73 28.10
N ASP B 91 15.47 -21.44 28.36
CA ASP B 91 15.59 -20.93 29.73
C ASP B 91 14.30 -20.36 30.30
N ILE B 92 13.23 -20.32 29.51
CA ILE B 92 11.95 -19.80 29.95
C ILE B 92 11.11 -20.99 30.41
N PRO B 93 10.92 -21.17 31.74
CA PRO B 93 10.29 -22.41 32.23
C PRO B 93 8.88 -22.70 31.70
N TRP B 94 8.07 -21.65 31.57
CA TRP B 94 6.67 -21.79 31.16
C TRP B 94 6.44 -21.92 29.64
N ALA B 95 7.43 -21.56 28.84
CA ALA B 95 7.22 -21.44 27.39
C ALA B 95 7.43 -22.78 26.68
N GLY B 96 6.51 -23.12 25.79
CA GLY B 96 6.63 -24.30 24.93
C GLY B 96 7.27 -23.97 23.59
N ARG B 97 6.80 -22.90 22.95
CA ARG B 97 7.31 -22.53 21.62
C ARG B 97 6.92 -21.10 21.24
N GLN B 98 7.59 -20.61 20.19
CA GLN B 98 7.22 -19.40 19.44
C GLN B 98 7.44 -18.11 20.19
N LEU B 99 8.69 -17.65 20.17
CA LEU B 99 9.07 -16.38 20.76
C LEU B 99 8.79 -15.28 19.76
N TRP B 100 7.63 -14.66 19.91
CA TRP B 100 7.14 -13.69 18.95
C TRP B 100 7.49 -12.25 19.35
N ALA B 101 6.87 -11.26 18.72
CA ALA B 101 7.32 -9.86 18.79
C ALA B 101 7.48 -9.28 20.22
N PRO B 102 8.72 -8.93 20.62
CA PRO B 102 8.94 -8.47 21.99
C PRO B 102 8.93 -6.95 22.16
N ASP B 103 9.09 -6.50 23.41
CA ASP B 103 9.36 -5.09 23.71
C ASP B 103 10.20 -5.01 24.97
N ALA B 104 10.65 -3.82 25.32
CA ALA B 104 11.40 -3.63 26.55
C ALA B 104 11.03 -2.33 27.25
N ALA B 105 11.25 -2.29 28.56
CA ALA B 105 11.10 -1.06 29.33
C ALA B 105 12.22 -0.95 30.34
N SER B 106 12.46 0.28 30.77
CA SER B 106 13.46 0.60 31.78
C SER B 106 12.78 1.29 32.97
N LYS B 107 13.07 0.82 34.18
CA LYS B 107 12.60 1.50 35.39
C LYS B 107 13.59 1.26 36.54
N ASP B 108 13.95 2.36 37.23
CA ASP B 108 14.82 2.34 38.41
C ASP B 108 16.07 1.48 38.23
N GLY B 109 16.78 1.73 37.14
CA GLY B 109 18.02 1.04 36.83
C GLY B 109 17.91 -0.38 36.28
N LYS B 110 16.70 -0.95 36.22
CA LYS B 110 16.49 -2.31 35.72
C LYS B 110 15.82 -2.24 34.34
N TYR B 111 16.02 -3.29 33.57
CA TYR B 111 15.50 -3.42 32.21
C TYR B 111 14.66 -4.66 32.16
N TYR B 112 13.49 -4.54 31.53
CA TYR B 112 12.50 -5.58 31.51
C TYR B 112 12.19 -5.89 30.06
N LEU B 113 12.38 -7.14 29.65
CA LEU B 113 12.02 -7.63 28.32
C LEU B 113 10.70 -8.35 28.40
N TYR B 114 9.71 -7.86 27.64
CA TYR B 114 8.37 -8.42 27.58
C TYR B 114 8.24 -9.20 26.28
N PHE B 115 7.74 -10.42 26.35
CA PHE B 115 7.71 -11.30 25.20
C PHE B 115 6.50 -12.20 25.18
N PRO B 116 5.89 -12.38 24.00
CA PRO B 116 4.80 -13.32 23.81
C PRO B 116 5.36 -14.70 23.47
N ALA B 117 4.80 -15.73 24.08
CA ALA B 117 5.15 -17.11 23.74
C ALA B 117 4.01 -18.03 24.09
N LYS B 118 3.95 -19.17 23.43
CA LYS B 118 2.94 -20.17 23.76
C LYS B 118 3.40 -20.96 24.97
N ASP B 119 2.48 -21.12 25.93
CA ASP B 119 2.73 -21.94 27.11
C ASP B 119 2.65 -23.43 26.69
N LYS B 120 2.73 -24.33 27.66
CA LYS B 120 2.76 -25.76 27.34
C LYS B 120 1.39 -26.33 26.91
N GLU B 121 0.32 -25.55 27.02
CA GLU B 121 -0.98 -25.86 26.42
C GLU B 121 -1.23 -25.17 25.06
N ASP B 122 -0.18 -24.64 24.44
CA ASP B 122 -0.26 -23.92 23.14
C ASP B 122 -1.13 -22.65 23.16
N ILE B 123 -1.18 -21.99 24.32
CA ILE B 123 -1.92 -20.76 24.50
C ILE B 123 -0.90 -19.64 24.64
N PHE B 124 -1.00 -18.62 23.78
CA PHE B 124 -0.12 -17.45 23.87
C PHE B 124 -0.34 -16.69 25.17
N ARG B 125 0.75 -16.40 25.85
CA ARG B 125 0.78 -15.53 27.02
C ARG B 125 1.95 -14.59 26.88
N ILE B 126 2.01 -13.61 27.76
CA ILE B 126 3.11 -12.65 27.77
C ILE B 126 3.89 -12.77 29.08
N GLY B 127 5.20 -12.92 28.97
CA GLY B 127 6.11 -13.02 30.10
C GLY B 127 7.10 -11.88 30.18
N VAL B 128 7.82 -11.81 31.30
CA VAL B 128 8.85 -10.82 31.50
C VAL B 128 10.13 -11.51 31.91
N ALA B 129 11.24 -10.89 31.52
CA ALA B 129 12.56 -11.27 31.95
C ALA B 129 13.30 -10.00 32.33
N VAL B 130 14.26 -10.11 33.25
CA VAL B 130 14.86 -8.94 33.88
C VAL B 130 16.40 -8.93 33.76
N SER B 131 16.95 -7.73 33.60
CA SER B 131 18.40 -7.53 33.54
C SER B 131 18.79 -6.20 34.12
N ASP B 132 20.06 -6.08 34.51
CA ASP B 132 20.63 -4.77 34.89
C ASP B 132 21.14 -3.96 33.70
N SER B 133 21.13 -4.56 32.51
CA SER B 133 21.64 -3.95 31.30
C SER B 133 20.55 -3.96 30.22
N PRO B 134 20.49 -2.90 29.39
CA PRO B 134 19.52 -2.90 28.28
C PRO B 134 19.79 -4.00 27.25
N ALA B 135 21.03 -4.49 27.17
CA ALA B 135 21.38 -5.58 26.24
C ALA B 135 21.23 -6.98 26.82
N GLY B 136 20.84 -7.10 28.09
CA GLY B 136 20.69 -8.40 28.72
C GLY B 136 22.06 -8.95 29.16
N PRO B 137 22.17 -10.25 29.42
CA PRO B 137 21.09 -11.23 29.28
C PRO B 137 19.96 -11.03 30.28
N PHE B 138 18.75 -11.44 29.91
CA PHE B 138 17.56 -11.25 30.74
C PHE B 138 17.18 -12.58 31.38
N LYS B 139 16.90 -12.54 32.68
CA LYS B 139 16.52 -13.72 33.47
C LYS B 139 15.00 -13.80 33.49
N PRO B 140 14.42 -14.85 32.87
CA PRO B 140 12.95 -14.91 32.81
C PRO B 140 12.31 -15.29 34.14
N GLU B 141 11.16 -14.67 34.41
CA GLU B 141 10.29 -15.11 35.48
C GLU B 141 9.77 -16.49 35.15
N SER B 142 9.45 -17.26 36.18
CA SER B 142 9.10 -18.67 35.98
C SER B 142 7.70 -18.87 35.39
N GLU B 143 6.80 -17.91 35.60
CA GLU B 143 5.45 -17.95 35.05
C GLU B 143 5.20 -16.72 34.18
N PRO B 144 4.24 -16.77 33.26
CA PRO B 144 3.89 -15.56 32.49
C PRO B 144 3.12 -14.58 33.35
N ILE B 145 2.87 -13.38 32.82
CA ILE B 145 2.20 -12.35 33.59
C ILE B 145 0.76 -12.76 33.83
N LYS B 146 0.34 -12.72 35.09
CA LYS B 146 -1.02 -13.14 35.42
C LYS B 146 -2.03 -12.19 34.78
N GLY B 147 -3.01 -12.76 34.10
CA GLY B 147 -4.03 -11.97 33.39
C GLY B 147 -3.63 -11.54 31.99
N SER B 148 -2.43 -11.91 31.54
CA SER B 148 -2.00 -11.65 30.18
C SER B 148 -2.49 -12.78 29.26
N TYR B 149 -2.54 -12.45 27.98
CA TYR B 149 -2.84 -13.40 26.94
C TYR B 149 -2.52 -12.81 25.57
N SER B 150 -2.54 -13.66 24.55
CA SER B 150 -2.30 -13.23 23.16
C SER B 150 -0.87 -12.67 23.04
N ILE B 151 -0.64 -11.76 22.10
CA ILE B 151 0.71 -11.50 21.63
C ILE B 151 1.08 -10.01 21.59
N ASP B 152 2.26 -9.72 21.07
CA ASP B 152 2.65 -8.38 20.64
C ASP B 152 2.54 -7.28 21.72
N PRO B 153 3.23 -7.47 22.86
CA PRO B 153 3.28 -6.43 23.88
C PRO B 153 3.97 -5.16 23.40
N ALA B 154 3.44 -4.02 23.82
CA ALA B 154 4.14 -2.75 23.75
C ALA B 154 3.99 -2.12 25.13
N VAL B 155 5.11 -1.89 25.81
CA VAL B 155 5.07 -1.27 27.15
C VAL B 155 5.47 0.20 27.02
N PHE B 156 4.50 1.08 27.31
CA PHE B 156 4.63 2.51 27.06
C PHE B 156 4.77 3.24 28.38
N LYS B 157 5.78 4.11 28.49
CA LYS B 157 6.00 4.94 29.67
C LYS B 157 5.49 6.34 29.38
N ASP B 158 4.46 6.73 30.11
CA ASP B 158 3.87 8.07 29.97
C ASP B 158 4.70 9.12 30.74
N ASP B 159 4.40 10.39 30.49
CA ASP B 159 5.08 11.56 31.11
C ASP B 159 5.01 11.63 32.63
N ASP B 160 3.97 11.04 33.18
CA ASP B 160 3.74 10.96 34.64
C ASP B 160 4.38 9.73 35.29
N GLY B 161 5.24 9.02 34.55
CA GLY B 161 5.92 7.84 35.09
C GLY B 161 5.09 6.57 35.16
N LYS B 162 3.87 6.58 34.65
CA LYS B 162 3.07 5.36 34.64
C LYS B 162 3.43 4.54 33.39
N TYR B 163 3.45 3.24 33.55
CA TYR B 163 3.76 2.31 32.45
C TYR B 163 2.53 1.48 32.13
N TYR B 164 2.24 1.34 30.83
CA TYR B 164 1.06 0.63 30.35
C TYR B 164 1.48 -0.42 29.36
N MET B 165 0.95 -1.63 29.48
CA MET B 165 1.13 -2.64 28.41
C MET B 165 -0.06 -2.65 27.48
N TYR B 166 0.21 -2.40 26.18
CA TYR B 166 -0.74 -2.63 25.09
C TYR B 166 -0.45 -4.01 24.53
N PHE B 167 -1.47 -4.79 24.20
CA PHE B 167 -1.24 -6.11 23.66
C PHE B 167 -2.39 -6.66 22.85
N GLY B 168 -2.09 -7.76 22.15
CA GLY B 168 -3.09 -8.51 21.41
C GLY B 168 -2.74 -8.73 19.95
N GLY B 169 -3.27 -9.83 19.44
CA GLY B 169 -3.23 -10.12 18.01
C GLY B 169 -4.31 -11.14 17.70
N ILE B 170 -5.06 -10.90 16.63
CA ILE B 170 -6.11 -11.85 16.21
C ILE B 170 -5.56 -12.96 15.30
N TRP B 171 -6.45 -13.83 14.80
CA TRP B 171 -6.04 -14.99 14.01
C TRP B 171 -5.05 -15.84 14.81
N GLY B 172 -3.81 -16.02 14.33
CA GLY B 172 -2.83 -16.84 15.03
C GLY B 172 -2.43 -16.34 16.41
N GLY B 173 -2.61 -15.04 16.65
CA GLY B 173 -2.41 -14.44 17.97
C GLY B 173 -3.43 -14.79 19.03
N GLN B 174 -4.58 -15.33 18.60
CA GLN B 174 -5.59 -15.94 19.50
C GLN B 174 -6.44 -14.94 20.29
N LEU B 175 -6.32 -13.63 20.03
CA LEU B 175 -7.07 -12.64 20.83
C LEU B 175 -8.58 -12.84 20.78
N GLN B 176 -9.07 -13.28 19.61
CA GLN B 176 -10.49 -13.62 19.40
C GLN B 176 -11.04 -14.74 20.32
N ARG B 177 -10.14 -15.53 20.90
CA ARG B 177 -10.50 -16.59 21.85
C ARG B 177 -10.56 -16.15 23.33
N TRP B 178 -10.45 -14.84 23.60
CA TRP B 178 -10.45 -14.32 24.96
C TRP B 178 -11.60 -13.34 25.23
N THR B 179 -12.66 -13.44 24.41
CA THR B 179 -13.82 -12.56 24.52
C THR B 179 -14.41 -12.53 25.93
N THR B 180 -14.52 -13.70 26.56
CA THR B 180 -15.12 -13.83 27.90
C THR B 180 -14.13 -13.63 29.07
N GLY B 181 -12.86 -13.38 28.78
CA GLY B 181 -11.83 -13.25 29.81
C GLY B 181 -11.08 -14.55 30.10
N GLU B 182 -11.53 -15.65 29.51
CA GLU B 182 -10.87 -16.96 29.62
C GLU B 182 -10.71 -17.55 28.22
N TYR B 183 -9.74 -18.44 28.06
CA TYR B 183 -9.43 -19.03 26.75
C TYR B 183 -10.54 -19.95 26.27
N ALA B 184 -11.02 -19.71 25.05
CA ALA B 184 -12.18 -20.44 24.49
C ALA B 184 -11.85 -21.84 23.98
N GLY B 185 -10.57 -22.17 23.87
CA GLY B 185 -10.10 -23.50 23.48
C GLY B 185 -9.59 -23.49 22.06
N HIS B 186 -8.84 -24.53 21.68
CA HIS B 186 -8.26 -24.62 20.33
C HIS B 186 -9.27 -24.83 19.20
N ASP B 187 -10.51 -25.18 19.55
CA ASP B 187 -11.60 -25.30 18.57
C ASP B 187 -12.37 -24.01 18.32
N ALA B 188 -12.03 -22.94 19.05
CA ALA B 188 -12.69 -21.66 18.92
C ALA B 188 -12.23 -20.94 17.63
N SER B 189 -12.76 -19.74 17.40
CA SER B 189 -12.51 -18.99 16.17
C SER B 189 -11.03 -18.95 15.80
N LYS B 190 -10.76 -19.19 14.52
CA LYS B 190 -9.42 -19.11 13.96
C LYS B 190 -9.12 -17.71 13.43
N THR B 191 -10.09 -16.81 13.46
CA THR B 191 -9.90 -15.48 12.88
C THR B 191 -10.34 -14.40 13.87
N ASP B 192 -11.63 -14.11 13.91
CA ASP B 192 -12.16 -12.98 14.69
C ASP B 192 -13.54 -13.34 15.28
N LEU B 193 -14.39 -12.37 15.57
CA LEU B 193 -15.73 -12.65 16.11
C LEU B 193 -16.71 -13.23 15.08
N GLU B 194 -16.37 -13.14 13.79
CA GLU B 194 -17.29 -13.53 12.71
C GLU B 194 -18.64 -12.85 12.93
N GLN B 195 -18.56 -11.54 13.19
CA GLN B 195 -19.69 -10.64 13.31
C GLN B 195 -19.24 -9.33 12.68
N ASP B 196 -19.25 -9.29 11.35
CA ASP B 196 -18.74 -8.14 10.62
C ASP B 196 -19.51 -6.83 10.81
N ASP B 197 -20.78 -6.90 11.22
CA ASP B 197 -21.57 -5.70 11.50
C ASP B 197 -21.44 -5.22 12.95
N ALA B 198 -20.76 -6.00 13.79
CA ALA B 198 -20.49 -5.60 15.18
C ALA B 198 -19.12 -4.91 15.27
N PRO B 199 -18.88 -4.15 16.37
CA PRO B 199 -17.54 -3.58 16.59
C PRO B 199 -16.43 -4.64 16.47
N ALA B 200 -15.32 -4.24 15.86
CA ALA B 200 -14.15 -5.12 15.77
C ALA B 200 -13.57 -5.36 17.15
N ILE B 201 -12.83 -6.47 17.28
CA ILE B 201 -12.06 -6.77 18.50
C ILE B 201 -11.07 -5.63 18.70
N GLY B 202 -10.98 -5.16 19.94
CA GLY B 202 -10.05 -4.09 20.29
C GLY B 202 -8.77 -4.65 20.91
N PRO B 203 -7.65 -3.94 20.74
CA PRO B 203 -6.46 -4.34 21.49
C PRO B 203 -6.62 -4.11 22.99
N ARG B 204 -5.70 -4.66 23.77
CA ARG B 204 -5.82 -4.64 25.23
C ARG B 204 -4.82 -3.71 25.87
N ILE B 205 -5.16 -3.25 27.07
CA ILE B 205 -4.28 -2.39 27.86
C ILE B 205 -4.40 -2.75 29.34
N ALA B 206 -3.27 -2.68 30.04
CA ALA B 206 -3.25 -2.67 31.51
C ALA B 206 -2.07 -1.85 32.02
N LEU B 207 -2.34 -1.03 33.02
CA LEU B 207 -1.32 -0.38 33.80
C LEU B 207 -0.44 -1.44 34.46
N MET B 208 0.87 -1.19 34.48
CA MET B 208 1.83 -2.12 35.09
C MET B 208 1.96 -1.84 36.57
N SER B 209 2.23 -2.90 37.32
CA SER B 209 2.58 -2.79 38.73
C SER B 209 3.90 -2.05 38.90
N ASP B 210 4.14 -1.55 40.11
CA ASP B 210 5.38 -0.87 40.42
C ASP B 210 6.62 -1.71 40.09
N ASP B 211 6.55 -3.00 40.40
CA ASP B 211 7.69 -3.91 40.18
C ASP B 211 7.87 -4.36 38.71
N MET B 212 6.95 -3.95 37.84
CA MET B 212 7.02 -4.23 36.39
C MET B 212 6.85 -5.70 36.01
N LEU B 213 6.43 -6.55 36.96
CA LEU B 213 6.26 -7.98 36.71
C LEU B 213 4.80 -8.40 36.58
N SER B 214 3.87 -7.48 36.81
CA SER B 214 2.46 -7.78 36.95
C SER B 214 1.63 -6.63 36.40
N PHE B 215 0.35 -6.91 36.15
CA PHE B 215 -0.62 -5.86 35.90
C PHE B 215 -1.13 -5.29 37.22
N ALA B 216 -1.35 -3.97 37.22
CA ALA B 216 -1.85 -3.21 38.39
C ALA B 216 -3.36 -3.15 38.46
N GLU B 217 -4.05 -3.50 37.37
CA GLU B 217 -5.50 -3.36 37.25
C GLU B 217 -6.04 -4.43 36.32
N PRO B 218 -7.38 -4.62 36.27
CA PRO B 218 -7.91 -5.52 35.27
C PRO B 218 -7.63 -5.02 33.84
N VAL B 219 -7.46 -5.97 32.94
CA VAL B 219 -7.23 -5.67 31.52
C VAL B 219 -8.47 -4.97 30.94
N LYS B 220 -8.24 -3.96 30.11
CA LYS B 220 -9.31 -3.23 29.41
C LYS B 220 -9.17 -3.46 27.93
N GLU B 221 -10.31 -3.53 27.24
CA GLU B 221 -10.35 -3.54 25.77
C GLU B 221 -10.49 -2.12 25.26
N ILE B 222 -9.67 -1.75 24.27
CA ILE B 222 -9.62 -0.40 23.75
C ILE B 222 -10.64 -0.27 22.62
N SER B 223 -11.35 0.85 22.58
CA SER B 223 -12.27 1.16 21.50
C SER B 223 -11.60 2.03 20.45
N ILE B 224 -11.61 1.56 19.20
CA ILE B 224 -11.16 2.37 18.08
C ILE B 224 -12.40 2.76 17.28
N VAL B 225 -12.54 4.05 16.98
CA VAL B 225 -13.74 4.59 16.32
C VAL B 225 -13.35 5.38 15.06
N ASP B 226 -14.32 5.62 14.19
CA ASP B 226 -14.10 6.48 13.02
C ASP B 226 -14.26 7.97 13.38
N GLU B 227 -14.05 8.86 12.40
CA GLU B 227 -14.21 10.32 12.60
C GLU B 227 -15.58 10.74 13.17
N GLN B 228 -16.63 9.97 12.87
CA GLN B 228 -17.99 10.20 13.41
C GLN B 228 -18.23 9.62 14.80
N GLY B 229 -17.21 9.01 15.41
CA GLY B 229 -17.35 8.42 16.72
C GLY B 229 -18.01 7.06 16.75
N ASN B 230 -18.21 6.42 15.60
CA ASN B 230 -18.77 5.08 15.55
C ASN B 230 -17.65 4.03 15.58
N PRO B 231 -17.86 2.92 16.29
CA PRO B 231 -16.86 1.84 16.35
C PRO B 231 -16.42 1.35 14.98
N ILE B 232 -15.11 1.13 14.81
CA ILE B 232 -14.62 0.44 13.63
C ILE B 232 -15.19 -0.98 13.70
N LEU B 233 -15.77 -1.44 12.60
CA LEU B 233 -16.48 -2.71 12.59
C LEU B 233 -15.57 -3.87 12.18
N GLY B 234 -15.98 -5.08 12.57
CA GLY B 234 -15.29 -6.32 12.22
C GLY B 234 -15.01 -6.55 10.74
N GLY B 235 -15.95 -6.16 9.89
CA GLY B 235 -15.79 -6.29 8.44
C GLY B 235 -14.87 -5.28 7.79
N ASP B 236 -14.45 -4.25 8.52
CA ASP B 236 -13.64 -3.15 7.98
C ASP B 236 -12.15 -3.53 8.14
N HIS B 237 -11.69 -4.49 7.34
CA HIS B 237 -10.31 -5.01 7.46
C HIS B 237 -9.23 -3.99 7.08
N ASP B 238 -9.56 -2.94 6.35
CA ASP B 238 -8.59 -1.90 6.04
C ASP B 238 -8.21 -1.06 7.26
N ARG B 239 -9.08 -1.01 8.27
CA ARG B 239 -8.87 -0.14 9.44
C ARG B 239 -8.83 -0.85 10.81
N ARG B 240 -9.43 -2.04 10.92
CA ARG B 240 -9.59 -2.68 12.23
C ARG B 240 -8.29 -3.32 12.71
N PHE B 241 -8.15 -3.34 14.03
CA PHE B 241 -6.95 -3.87 14.69
C PHE B 241 -6.68 -5.33 14.37
N PHE B 242 -5.44 -5.64 13.96
CA PHE B 242 -5.04 -7.04 13.77
C PHE B 242 -3.96 -7.47 14.77
N GLU B 243 -2.84 -6.75 14.79
CA GLU B 243 -1.74 -7.06 15.72
C GLU B 243 -0.78 -5.86 15.82
N ALA B 244 0.34 -6.03 16.55
CA ALA B 244 1.42 -5.06 16.54
C ALA B 244 1.06 -3.66 17.10
N ALA B 245 0.30 -3.61 18.18
CA ALA B 245 0.00 -2.33 18.84
C ALA B 245 1.27 -1.60 19.26
N TRP B 246 1.25 -0.28 19.13
CA TRP B 246 2.35 0.57 19.60
C TRP B 246 1.74 1.88 20.02
N MET B 247 2.27 2.46 21.09
CA MET B 247 1.81 3.75 21.62
C MET B 247 2.97 4.72 21.61
N HIS B 248 2.75 5.91 21.08
CA HIS B 248 3.68 7.02 21.30
C HIS B 248 2.88 8.30 21.52
N LYS B 249 3.55 9.28 22.10
CA LYS B 249 2.92 10.52 22.48
C LYS B 249 3.63 11.65 21.75
N TYR B 250 2.87 12.53 21.10
CA TYR B 250 3.42 13.68 20.40
C TYR B 250 2.52 14.92 20.64
N ASN B 251 3.14 16.00 21.11
CA ASN B 251 2.43 17.24 21.47
C ASN B 251 1.17 17.03 22.30
N GLY B 252 1.29 16.17 23.31
CA GLY B 252 0.19 15.88 24.23
C GLY B 252 -0.86 14.89 23.77
N THR B 253 -0.78 14.44 22.51
CA THR B 253 -1.75 13.50 21.95
C THR B 253 -1.15 12.07 21.97
N TYR B 254 -2.01 11.10 22.24
CA TYR B 254 -1.67 9.67 22.28
C TYR B 254 -1.99 9.05 20.93
N TYR B 255 -0.97 8.43 20.33
CA TYR B 255 -1.05 7.80 19.00
C TYR B 255 -0.97 6.29 19.15
N LEU B 256 -2.08 5.60 18.95
CA LEU B 256 -2.13 4.15 18.90
C LEU B 256 -1.98 3.72 17.46
N SER B 257 -0.87 3.07 17.14
CA SER B 257 -0.66 2.53 15.81
C SER B 257 -0.62 1.01 15.87
N TYR B 258 -0.88 0.37 14.74
CA TYR B 258 -1.00 -1.07 14.70
C TYR B 258 -1.05 -1.59 13.28
N SER B 259 -0.82 -2.89 13.14
CA SER B 259 -0.97 -3.58 11.85
C SER B 259 -2.41 -4.00 11.64
N THR B 260 -2.88 -3.92 10.39
CA THR B 260 -4.19 -4.44 9.98
C THR B 260 -4.12 -5.85 9.37
N GLY B 261 -2.93 -6.47 9.33
CA GLY B 261 -2.84 -7.90 9.04
C GLY B 261 -3.12 -8.26 7.59
N ASP B 262 -4.32 -8.80 7.34
CA ASP B 262 -4.64 -9.28 6.00
C ASP B 262 -4.76 -8.15 4.97
N THR B 263 -4.81 -6.90 5.42
CA THR B 263 -4.74 -5.75 4.51
C THR B 263 -3.39 -5.03 4.54
N HIS B 264 -2.49 -5.46 5.43
CA HIS B 264 -1.05 -5.18 5.31
C HIS B 264 -0.61 -3.73 5.55
N TYR B 265 -1.43 -2.96 6.28
CA TYR B 265 -1.07 -1.59 6.61
C TYR B 265 -0.60 -1.48 8.05
N ILE B 266 0.28 -0.53 8.32
CA ILE B 266 0.34 0.08 9.64
C ILE B 266 -0.53 1.31 9.58
N VAL B 267 -1.50 1.38 10.49
CA VAL B 267 -2.41 2.53 10.59
C VAL B 267 -2.32 3.14 11.98
N TYR B 268 -2.97 4.29 12.18
CA TYR B 268 -2.96 4.90 13.50
C TYR B 268 -4.25 5.61 13.83
N ALA B 269 -4.48 5.76 15.13
CA ALA B 269 -5.66 6.36 15.70
C ALA B 269 -5.22 7.20 16.89
N THR B 270 -5.91 8.31 17.15
CA THR B 270 -5.45 9.27 18.15
C THR B 270 -6.47 9.45 19.28
N GLY B 271 -5.96 9.78 20.46
CA GLY B 271 -6.76 9.94 21.67
C GLY B 271 -6.12 10.90 22.65
N ASP B 272 -6.82 11.18 23.75
CA ASP B 272 -6.36 12.16 24.73
C ASP B 272 -5.88 11.55 26.04
N ASN B 273 -5.91 10.22 26.12
CA ASN B 273 -5.44 9.49 27.29
C ASN B 273 -4.97 8.10 26.86
N PRO B 274 -4.22 7.39 27.72
CA PRO B 274 -3.71 6.06 27.35
C PRO B 274 -4.76 5.02 26.96
N TYR B 275 -5.97 5.11 27.54
CA TYR B 275 -7.03 4.14 27.36
C TYR B 275 -7.94 4.38 26.17
N GLY B 276 -7.83 5.53 25.53
CA GLY B 276 -8.73 5.89 24.44
C GLY B 276 -10.11 6.35 24.93
N PRO B 277 -11.15 6.27 24.09
CA PRO B 277 -11.09 5.70 22.74
C PRO B 277 -10.19 6.44 21.77
N PHE B 278 -9.80 5.74 20.71
CA PHE B 278 -8.91 6.30 19.71
C PHE B 278 -9.65 6.45 18.39
N THR B 279 -9.49 7.61 17.77
CA THR B 279 -10.13 7.92 16.50
C THR B 279 -9.19 7.60 15.36
N TYR B 280 -9.61 6.71 14.46
CA TYR B 280 -8.83 6.34 13.29
C TYR B 280 -8.49 7.57 12.46
N ARG B 281 -7.21 7.73 12.12
CA ARG B 281 -6.73 8.87 11.34
C ARG B 281 -6.25 8.48 9.92
N GLY B 282 -5.36 7.50 9.81
CA GLY B 282 -4.88 7.11 8.49
C GLY B 282 -3.75 6.12 8.53
N VAL B 283 -3.06 6.01 7.40
CA VAL B 283 -2.00 5.03 7.22
C VAL B 283 -0.65 5.62 7.61
N ILE B 284 0.13 4.85 8.37
CA ILE B 284 1.53 5.16 8.65
C ILE B 284 2.44 4.54 7.60
N LEU B 285 2.24 3.25 7.34
CA LEU B 285 3.12 2.50 6.46
C LEU B 285 2.31 1.62 5.53
N ASN B 286 2.50 1.81 4.24
CA ASN B 286 1.87 0.96 3.24
C ASN B 286 2.51 -0.45 3.19
N PRO B 287 1.89 -1.39 2.47
CA PRO B 287 2.38 -2.75 2.52
C PRO B 287 3.79 -2.94 2.01
N VAL B 288 4.46 -3.89 2.64
CA VAL B 288 5.86 -4.17 2.38
C VAL B 288 5.97 -5.48 1.62
N ILE B 289 7.20 -5.86 1.30
CA ILE B 289 7.50 -7.20 0.79
C ILE B 289 7.28 -8.21 1.92
N GLY B 290 6.50 -9.25 1.65
CA GLY B 290 6.13 -10.25 2.66
C GLY B 290 4.86 -9.92 3.40
N TRP B 291 4.20 -10.93 3.94
CA TRP B 291 2.82 -10.77 4.46
C TRP B 291 2.72 -9.81 5.64
N THR B 292 3.64 -9.93 6.60
CA THR B 292 3.52 -9.19 7.88
C THR B 292 4.03 -7.76 7.74
N ASN B 293 3.54 -6.91 8.64
CA ASN B 293 3.97 -5.52 8.72
C ASN B 293 3.99 -5.20 10.20
N HIS B 294 5.14 -4.79 10.74
CA HIS B 294 5.27 -4.64 12.18
C HIS B 294 6.34 -3.60 12.44
N HIS B 295 6.07 -2.72 13.39
CA HIS B 295 6.82 -1.45 13.50
C HIS B 295 7.00 -0.95 14.95
N SER B 296 7.76 0.12 15.07
CA SER B 296 7.73 0.97 16.25
C SER B 296 8.09 2.39 15.83
N ILE B 297 7.74 3.34 16.69
CA ILE B 297 7.92 4.77 16.43
C ILE B 297 8.61 5.38 17.64
N VAL B 298 9.75 6.01 17.39
CA VAL B 298 10.60 6.49 18.48
C VAL B 298 11.20 7.84 18.13
N GLU B 299 11.33 8.70 19.14
CA GLU B 299 12.02 9.98 19.00
C GLU B 299 13.46 9.83 19.46
N PHE B 300 14.40 10.31 18.66
CA PHE B 300 15.82 10.23 19.00
C PHE B 300 16.54 11.48 18.49
N ASN B 301 17.16 12.21 19.42
CA ASN B 301 17.84 13.48 19.11
C ASN B 301 16.97 14.43 18.28
N GLY B 302 15.74 14.62 18.77
CA GLY B 302 14.80 15.58 18.19
C GLY B 302 14.09 15.20 16.90
N LYS B 303 14.32 13.99 16.38
CA LYS B 303 13.72 13.50 15.14
C LYS B 303 12.95 12.22 15.45
N TRP B 304 11.85 12.01 14.72
CA TRP B 304 11.03 10.80 14.87
C TRP B 304 11.39 9.78 13.79
N TYR B 305 11.39 8.50 14.17
CA TYR B 305 11.76 7.41 13.26
C TYR B 305 10.73 6.31 13.32
N LEU B 306 10.48 5.71 12.16
CA LEU B 306 9.69 4.49 12.02
C LEU B 306 10.63 3.32 11.76
N PHE B 307 10.70 2.41 12.73
CA PHE B 307 11.37 1.12 12.53
C PHE B 307 10.31 0.14 12.03
N TYR B 308 10.65 -0.65 11.02
CA TYR B 308 9.73 -1.63 10.43
C TYR B 308 10.52 -2.80 9.90
N HIS B 309 9.84 -3.74 9.24
CA HIS B 309 10.55 -4.84 8.57
C HIS B 309 9.96 -5.16 7.22
N ASP B 310 10.70 -5.99 6.48
CA ASP B 310 10.14 -6.62 5.28
C ASP B 310 10.87 -7.92 5.01
N SER B 311 10.47 -8.60 3.94
CA SER B 311 11.08 -9.88 3.56
C SER B 311 12.05 -9.72 2.38
N SER B 312 12.66 -8.55 2.24
CA SER B 312 13.50 -8.23 1.07
C SER B 312 14.82 -9.00 1.07
N LEU B 313 15.48 -9.09 2.23
CA LEU B 313 16.78 -9.78 2.34
C LEU B 313 16.70 -11.26 2.00
N SER B 314 15.60 -11.91 2.37
CA SER B 314 15.38 -13.32 2.06
C SER B 314 14.80 -13.62 0.68
N GLY B 315 14.65 -12.60 -0.17
CA GLY B 315 14.03 -12.74 -1.47
C GLY B 315 12.54 -12.99 -1.39
N GLY B 316 11.89 -12.45 -0.36
CA GLY B 316 10.43 -12.50 -0.23
C GLY B 316 9.83 -13.58 0.65
N LYS B 317 10.64 -14.29 1.43
CA LYS B 317 10.11 -15.31 2.34
C LYS B 317 9.45 -14.65 3.57
N THR B 318 8.17 -14.95 3.79
CA THR B 318 7.36 -14.24 4.79
C THR B 318 7.95 -14.32 6.20
N HIS B 319 8.52 -15.48 6.53
CA HIS B 319 9.05 -15.76 7.86
C HIS B 319 10.55 -15.45 8.03
N LEU B 320 11.20 -14.89 7.03
CA LEU B 320 12.60 -14.51 7.11
C LEU B 320 12.72 -13.05 6.77
N ARG B 321 12.64 -12.23 7.82
CA ARG B 321 12.51 -10.79 7.63
C ARG B 321 13.80 -10.04 7.96
N CYS B 322 13.82 -8.75 7.64
CA CYS B 322 14.90 -7.87 8.04
C CYS B 322 14.34 -6.54 8.45
N ILE B 323 14.89 -5.96 9.51
CA ILE B 323 14.43 -4.65 9.97
C ILE B 323 15.08 -3.50 9.20
N LYS B 324 14.34 -2.39 9.16
CA LYS B 324 14.70 -1.18 8.47
C LYS B 324 14.21 0.01 9.30
N VAL B 325 14.64 1.20 8.92
CA VAL B 325 14.23 2.42 9.57
C VAL B 325 14.15 3.57 8.58
N THR B 326 13.21 4.47 8.81
CA THR B 326 13.09 5.69 8.03
C THR B 326 12.56 6.81 8.92
N GLU B 327 12.77 8.05 8.49
CA GLU B 327 12.30 9.20 9.25
C GLU B 327 10.78 9.28 9.14
N LEU B 328 10.14 9.63 10.24
CA LEU B 328 8.70 9.80 10.31
C LEU B 328 8.42 11.27 10.60
N THR B 329 7.38 11.80 9.96
CA THR B 329 7.03 13.23 10.06
C THR B 329 5.63 13.41 10.60
N HIS B 330 5.54 14.16 11.71
CA HIS B 330 4.28 14.66 12.20
C HIS B 330 4.05 16.01 11.54
N ASN B 331 2.89 16.18 10.94
CA ASN B 331 2.50 17.48 10.36
C ASN B 331 2.03 18.42 11.46
N ALA B 332 1.89 19.69 11.11
CA ALA B 332 1.44 20.72 12.06
C ALA B 332 0.02 20.47 12.60
N ASP B 333 -0.84 19.86 11.80
CA ASP B 333 -2.21 19.50 12.22
C ASP B 333 -2.30 18.21 13.07
N GLY B 334 -1.15 17.65 13.45
CA GLY B 334 -1.11 16.42 14.27
C GLY B 334 -1.12 15.11 13.50
N THR B 335 -1.41 15.14 12.20
CA THR B 335 -1.41 13.89 11.41
C THR B 335 0.01 13.46 11.12
N ILE B 336 0.14 12.21 10.68
CA ILE B 336 1.43 11.64 10.34
C ILE B 336 1.44 11.41 8.84
N GLU B 337 2.56 11.75 8.22
CA GLU B 337 2.71 11.64 6.78
C GLU B 337 2.92 10.17 6.45
N THR B 338 2.09 9.64 5.55
CA THR B 338 2.15 8.22 5.18
C THR B 338 3.46 7.92 4.46
N ILE B 339 4.06 6.79 4.83
CA ILE B 339 5.28 6.31 4.23
C ILE B 339 4.97 5.14 3.32
N SER B 340 5.49 5.20 2.09
CA SER B 340 5.43 4.09 1.15
C SER B 340 6.85 3.57 1.06
N PRO B 341 7.07 2.28 1.39
CA PRO B 341 8.41 1.78 1.67
C PRO B 341 9.41 1.78 0.49
N TYR B 342 8.94 1.70 -0.75
CA TYR B 342 9.84 1.49 -1.92
C TYR B 342 9.75 2.61 -2.95
N ILE B 343 9.62 3.84 -2.47
CA ILE B 343 9.55 5.02 -3.35
C ILE B 343 10.67 5.99 -2.95
N GLU B 344 11.67 6.15 -3.82
CA GLU B 344 12.61 7.29 -3.80
C GLU B 344 13.54 7.26 -5.02
#